data_1ATN
#
_entry.id   1ATN
#
_cell.length_a   132.900
_cell.length_b   56.300
_cell.length_c   109.700
_cell.angle_alpha   90.00
_cell.angle_beta   90.00
_cell.angle_gamma   90.00
#
_symmetry.space_group_name_H-M   'P 21 21 21'
#
loop_
_entity.id
_entity.type
_entity.pdbx_description
1 polymer ACTIN
2 polymer 'DEOXYRIBONUCLEASE I'
3 branched beta-D-mannopyranose-(1-4)-2-acetamido-2-deoxy-beta-D-glucopyranose-(1-4)-2-acetamido-2-deoxy-beta-D-glucopyranose
4 non-polymer 'CALCIUM ION'
5 non-polymer "ADENOSINE-5'-TRIPHOSPHATE"
#
loop_
_entity_poly.entity_id
_entity_poly.type
_entity_poly.pdbx_seq_one_letter_code
_entity_poly.pdbx_strand_id
1 'polypeptide(L)'
;(ACE)DEDETTALVCDNGSGLVKAGFAGDDAPRAVFPSIVGRPRHQGVMVGMGQKDSYVGDEAQSKRGILTLKYPIE
(HIC)GIITNWDDMEKIWHHTFYNELRVAPEEHPTLLTEAPLNPKANREKMTQIMFETFNVPAMYVAIQAVLSLYASGRT
TGIVLDSGDGVTHNVPIYEGYALPHAIMRLDLAGRDLTDYLMKILTERGYSFVTTAEREIVRDIKEKLCYVALDFENEMA
TAASSSSLEKSYELPDGQVITIGNERFRCPETLFQPSFIGMESAGIHETTYNSIMKCDIDIRKDLYANNVMSGGTTMYPG
IADRMQKEITALAPSTMKIKIIAPPERKYSVWIGGSILASLSTFQQMWITKQEYDEAGPSIVHR
;
A
2 'polypeptide(L)'
;LKIAAFNIRTFGETKMSNATLASYIVRIVRRYDIVLIQEVRDSHLVAVGKLLDYLNQDDPNTYHYVVSEPLGRNSYKERY
LFLFRPNKVSVLDTYQYDDGCGNCGNDSFSREPAVVKFSSHSTKVKEFAIVALHSAPSDAVAEINSLYDVYLDVQQKWHL
NDVMLMGDFNADCSYVTSSQWSSIRLRTSSTFQWLIPDSADTTATSTNCAYDRIVVAGSLLQSSVVPGSAAPFDFQAAYG
LSNEMALAISDHYPVEVTLT
;
D
#
loop_
_chem_comp.id
_chem_comp.type
_chem_comp.name
_chem_comp.formula
ACE non-polymer 'ACETYL GROUP' 'C2 H4 O'
ATP non-polymer ADENOSINE-5'-TRIPHOSPHATE 'C10 H16 N5 O13 P3'
BMA D-saccharide, beta linking beta-D-mannopyranose 'C6 H12 O6'
CA non-polymer 'CALCIUM ION' 'Ca 2'
NAG D-saccharide, beta linking 2-acetamido-2-deoxy-beta-D-glucopyranose 'C8 H15 N O6'
#
# COMPACT_ATOMS: atom_id res chain seq x y z
C ACE A 1 10.19 5.10 36.27
O ACE A 1 10.15 5.78 35.24
CH3 ACE A 1 10.91 5.67 37.50
N ASP A 2 9.58 3.89 36.42
CA ASP A 2 8.81 3.14 35.41
C ASP A 2 7.73 4.00 34.75
N GLU A 3 7.13 4.81 35.64
CA GLU A 3 6.14 5.85 35.35
C GLU A 3 6.23 6.38 33.93
N ASP A 4 7.48 6.72 33.62
CA ASP A 4 7.81 7.04 32.27
C ASP A 4 9.04 6.28 31.77
N GLU A 5 9.75 5.43 32.55
CA GLU A 5 10.90 4.63 32.08
C GLU A 5 10.44 3.71 30.94
N THR A 6 9.25 3.13 31.15
CA THR A 6 8.56 2.26 30.18
C THR A 6 7.85 3.01 29.05
N THR A 7 7.28 4.07 29.60
CA THR A 7 6.33 5.02 29.06
C THR A 7 6.83 6.03 28.02
N ALA A 8 8.14 6.27 27.83
CA ALA A 8 8.57 7.24 26.81
C ALA A 8 8.44 6.65 25.42
N LEU A 9 7.87 7.41 24.51
CA LEU A 9 7.66 6.98 23.13
C LEU A 9 8.72 7.60 22.24
N VAL A 10 9.12 6.99 21.11
CA VAL A 10 10.08 7.65 20.25
C VAL A 10 9.53 7.51 18.88
N CYS A 11 9.26 8.67 18.27
CA CYS A 11 8.68 8.68 16.97
C CYS A 11 9.57 9.42 16.03
N ASP A 12 10.14 8.70 15.06
CA ASP A 12 10.94 9.33 14.03
C ASP A 12 10.20 9.45 12.68
N ASN A 13 9.84 10.70 12.34
CA ASN A 13 9.04 11.03 11.19
C ASN A 13 9.93 11.22 10.00
N GLY A 14 9.72 10.41 8.96
CA GLY A 14 10.51 10.50 7.75
C GLY A 14 9.68 10.87 6.54
N SER A 15 10.46 11.06 5.49
CA SER A 15 9.89 11.34 4.21
C SER A 15 9.25 10.11 3.61
N GLY A 16 9.74 8.89 3.87
CA GLY A 16 9.21 7.68 3.29
C GLY A 16 8.58 6.84 4.37
N LEU A 17 9.27 6.64 5.51
CA LEU A 17 8.85 5.81 6.63
C LEU A 17 8.71 6.47 7.98
N VAL A 18 7.82 6.03 8.86
CA VAL A 18 7.76 6.46 10.23
C VAL A 18 8.46 5.34 10.99
N LYS A 19 9.28 5.58 11.99
CA LYS A 19 9.84 4.54 12.84
C LYS A 19 9.34 4.88 14.24
N ALA A 20 8.75 3.97 14.99
CA ALA A 20 8.14 4.29 16.27
C ALA A 20 8.26 3.14 17.25
N GLY A 21 7.98 3.36 18.52
CA GLY A 21 8.24 2.33 19.50
C GLY A 21 8.47 2.97 20.85
N PHE A 22 8.95 2.14 21.78
CA PHE A 22 9.12 2.60 23.17
C PHE A 22 10.59 2.77 23.46
N ALA A 23 10.93 3.87 24.15
CA ALA A 23 12.28 4.14 24.59
C ALA A 23 12.57 2.97 25.48
N GLY A 24 13.73 2.39 25.25
CA GLY A 24 14.05 1.17 25.92
C GLY A 24 14.26 0.11 24.88
N ASP A 25 13.35 -0.10 23.93
CA ASP A 25 13.52 -1.12 22.91
C ASP A 25 14.77 -0.92 22.07
N ASP A 26 15.20 -1.98 21.37
CA ASP A 26 16.43 -1.94 20.59
C ASP A 26 16.27 -1.48 19.13
N ALA A 27 15.00 -1.58 18.70
CA ALA A 27 14.56 -1.27 17.36
C ALA A 27 13.11 -0.84 17.36
N PRO A 28 12.65 -0.08 16.33
CA PRO A 28 11.27 0.38 16.25
C PRO A 28 10.20 -0.70 16.25
N ARG A 29 9.22 -0.52 17.10
CA ARG A 29 8.08 -1.40 17.17
C ARG A 29 7.22 -1.20 15.93
N ALA A 30 7.27 -0.02 15.33
CA ALA A 30 6.42 0.27 14.20
C ALA A 30 7.15 1.02 13.11
N VAL A 31 7.04 0.49 11.90
CA VAL A 31 7.69 1.05 10.72
C VAL A 31 6.65 0.96 9.62
N PHE A 32 6.35 2.07 8.94
CA PHE A 32 5.29 2.06 7.95
C PHE A 32 5.32 3.26 7.06
N PRO A 33 4.83 3.26 5.82
CA PRO A 33 4.87 4.45 4.98
C PRO A 33 4.12 5.65 5.54
N SER A 34 4.71 6.75 5.12
CA SER A 34 4.35 8.06 5.53
C SER A 34 3.42 8.59 4.45
N ILE A 35 2.28 7.91 4.24
CA ILE A 35 1.24 8.34 3.32
C ILE A 35 -0.10 8.48 3.98
N VAL A 36 -1.05 9.17 3.35
CA VAL A 36 -2.37 9.39 3.82
C VAL A 36 -3.12 9.34 2.52
N GLY A 37 -3.98 8.34 2.39
CA GLY A 37 -4.75 8.11 1.22
C GLY A 37 -6.13 8.60 1.44
N ARG A 38 -6.66 9.17 0.37
CA ARG A 38 -7.98 9.76 0.38
C ARG A 38 -8.77 9.11 -0.77
N PRO A 39 -9.82 8.32 -0.57
CA PRO A 39 -10.54 7.63 -1.66
C PRO A 39 -11.10 8.49 -2.76
N ARG A 40 -10.65 8.16 -3.98
CA ARG A 40 -11.17 8.79 -5.17
C ARG A 40 -12.65 8.53 -5.44
N HIS A 41 -13.32 7.47 -4.85
CA HIS A 41 -14.74 7.18 -5.15
C HIS A 41 -15.58 6.77 -3.98
N GLN A 42 -16.90 6.89 -4.01
CA GLN A 42 -17.64 6.43 -2.86
C GLN A 42 -17.98 4.95 -2.95
N GLY A 43 -17.80 4.27 -1.82
CA GLY A 43 -17.98 2.84 -1.72
C GLY A 43 -17.30 2.27 -0.49
N VAL A 44 -17.40 0.97 -0.29
CA VAL A 44 -16.84 0.28 0.88
C VAL A 44 -16.13 -1.07 0.63
N MET A 45 -15.33 -1.51 1.61
CA MET A 45 -14.79 -2.87 1.54
C MET A 45 -15.87 -3.68 2.24
N VAL A 46 -15.94 -4.97 1.95
CA VAL A 46 -16.88 -5.86 2.56
C VAL A 46 -16.69 -5.95 4.08
N GLY A 47 -17.69 -5.48 4.81
CA GLY A 47 -17.71 -5.63 6.23
C GLY A 47 -17.25 -4.37 6.94
N MET A 48 -16.62 -3.47 6.20
CA MET A 48 -16.24 -2.21 6.80
C MET A 48 -17.24 -1.13 6.45
N GLY A 49 -17.10 -0.01 7.18
CA GLY A 49 -17.84 1.20 6.88
C GLY A 49 -17.00 2.08 5.93
N GLN A 50 -17.68 3.15 5.49
CA GLN A 50 -17.08 4.22 4.74
C GLN A 50 -15.93 4.84 5.53
N LYS A 51 -14.81 4.97 4.87
CA LYS A 51 -13.61 5.42 5.50
C LYS A 51 -13.28 6.65 4.71
N ASP A 52 -12.97 7.65 5.51
CA ASP A 52 -12.62 8.94 4.94
C ASP A 52 -11.16 9.02 4.52
N SER A 53 -10.35 8.14 5.13
CA SER A 53 -8.94 8.30 5.00
C SER A 53 -8.20 7.01 5.26
N TYR A 54 -7.01 6.86 4.78
CA TYR A 54 -6.27 5.66 5.00
C TYR A 54 -4.84 6.05 5.31
N VAL A 55 -4.06 5.34 6.12
CA VAL A 55 -2.70 5.76 6.46
C VAL A 55 -1.78 4.55 6.47
N GLY A 56 -0.54 4.77 6.05
CA GLY A 56 0.49 3.76 6.11
C GLY A 56 0.29 2.70 5.08
N ASP A 57 0.34 1.45 5.52
CA ASP A 57 0.21 0.33 4.61
C ASP A 57 -1.19 0.18 4.07
N GLU A 58 -2.29 0.43 4.77
CA GLU A 58 -3.57 0.36 4.12
C GLU A 58 -3.73 1.38 2.99
N ALA A 59 -3.01 2.49 3.03
CA ALA A 59 -3.03 3.44 1.95
C ALA A 59 -2.20 2.91 0.80
N GLN A 60 -1.12 2.19 1.08
CA GLN A 60 -0.30 1.71 0.01
C GLN A 60 -1.06 0.58 -0.67
N SER A 61 -1.57 -0.38 0.09
CA SER A 61 -2.25 -1.53 -0.45
C SER A 61 -3.50 -1.24 -1.29
N LYS A 62 -4.17 -0.19 -0.89
CA LYS A 62 -5.38 0.16 -1.57
C LYS A 62 -5.06 1.33 -2.46
N ARG A 63 -3.84 1.56 -2.99
CA ARG A 63 -3.57 2.82 -3.70
C ARG A 63 -4.33 3.14 -4.97
N GLY A 64 -4.80 2.10 -5.66
CA GLY A 64 -5.59 2.25 -6.85
C GLY A 64 -6.91 3.00 -6.64
N ILE A 65 -7.56 3.07 -5.47
CA ILE A 65 -8.80 3.84 -5.36
C ILE A 65 -8.68 5.12 -4.55
N LEU A 66 -7.49 5.51 -4.14
CA LEU A 66 -7.25 6.67 -3.27
C LEU A 66 -6.26 7.65 -3.87
N THR A 67 -6.20 8.91 -3.41
CA THR A 67 -5.17 9.82 -3.87
C THR A 67 -4.25 9.88 -2.67
N LEU A 68 -3.04 9.40 -2.95
CA LEU A 68 -1.99 9.28 -1.97
C LEU A 68 -1.31 10.59 -1.77
N LYS A 69 -0.98 10.93 -0.51
CA LYS A 69 -0.23 12.16 -0.25
C LYS A 69 0.81 11.98 0.81
N TYR A 70 1.96 12.58 0.51
CA TYR A 70 3.13 12.54 1.38
C TYR A 70 3.26 13.80 2.28
N PRO A 71 2.93 13.84 3.60
CA PRO A 71 3.01 14.99 4.50
C PRO A 71 4.35 15.64 4.71
N ILE A 72 5.42 14.86 4.50
CA ILE A 72 6.75 15.35 4.73
C ILE A 72 7.56 15.42 3.44
N GLU A 73 7.73 16.64 2.94
CA GLU A 73 8.50 16.76 1.73
C GLU A 73 9.92 17.13 2.06
N HIC A 74 10.85 16.22 1.75
CA HIC A 74 12.25 16.45 2.00
C HIC A 74 12.59 16.64 3.47
O HIC A 74 13.38 17.49 3.86
CB HIC A 74 12.73 17.67 1.16
CG HIC A 74 12.86 17.20 -0.27
ND1 HIC A 74 13.45 16.05 -0.62
CD2 HIC A 74 12.37 17.78 -1.43
CE1 HIC A 74 13.34 15.90 -1.92
NE2 HIC A 74 12.70 16.93 -2.39
CZ HIC A 74 12.44 17.02 -3.85
N GLY A 75 11.93 15.85 4.33
CA GLY A 75 12.22 15.90 5.75
C GLY A 75 11.45 16.96 6.50
N ILE A 76 10.87 17.96 5.81
CA ILE A 76 10.12 19.05 6.49
C ILE A 76 8.62 18.77 6.47
N ILE A 77 7.79 18.98 7.52
CA ILE A 77 6.34 18.71 7.45
C ILE A 77 5.73 19.84 6.64
N THR A 78 5.14 19.42 5.51
CA THR A 78 4.49 20.32 4.58
C THR A 78 2.98 20.36 4.78
N ASN A 79 2.32 19.26 5.18
CA ASN A 79 0.90 19.36 5.45
C ASN A 79 0.58 18.89 6.84
N TRP A 80 0.14 19.85 7.67
CA TRP A 80 -0.13 19.59 9.07
C TRP A 80 -1.42 18.87 9.37
N ASP A 81 -2.40 18.85 8.45
CA ASP A 81 -3.68 18.12 8.60
C ASP A 81 -3.40 16.64 8.42
N ASP A 82 -2.73 16.33 7.32
CA ASP A 82 -2.22 15.00 7.08
C ASP A 82 -1.13 14.49 7.99
N MET A 83 -0.36 15.30 8.71
CA MET A 83 0.65 14.80 9.62
C MET A 83 -0.08 14.39 10.88
N GLU A 84 -0.99 15.19 11.42
CA GLU A 84 -1.74 14.86 12.63
C GLU A 84 -2.47 13.54 12.43
N LYS A 85 -2.87 13.28 11.17
CA LYS A 85 -3.40 11.96 10.80
C LYS A 85 -2.34 10.87 10.97
N ILE A 86 -1.10 10.98 10.46
CA ILE A 86 -0.09 9.95 10.68
C ILE A 86 0.24 9.77 12.15
N TRP A 87 0.31 10.84 12.96
CA TRP A 87 0.58 10.69 14.39
C TRP A 87 -0.53 9.94 15.06
N HIS A 88 -1.77 10.30 14.74
CA HIS A 88 -2.93 9.64 15.33
C HIS A 88 -2.86 8.12 15.12
N HIS A 89 -2.60 7.75 13.85
CA HIS A 89 -2.42 6.38 13.48
C HIS A 89 -1.30 5.75 14.28
N THR A 90 -0.20 6.43 14.51
CA THR A 90 0.93 5.86 15.22
C THR A 90 0.60 5.54 16.63
N PHE A 91 0.02 6.48 17.35
CA PHE A 91 -0.31 6.22 18.72
C PHE A 91 -1.40 5.20 18.84
N TYR A 92 -2.54 5.47 18.22
CA TYR A 92 -3.69 4.66 18.49
C TYR A 92 -3.79 3.35 17.86
N ASN A 93 -3.24 3.18 16.67
CA ASN A 93 -3.38 1.91 15.98
C ASN A 93 -2.08 1.13 15.99
N GLU A 94 -0.98 1.77 15.62
CA GLU A 94 0.27 1.08 15.57
C GLU A 94 0.79 0.71 16.95
N LEU A 95 0.95 1.66 17.89
CA LEU A 95 1.51 1.34 19.20
C LEU A 95 0.38 1.04 20.18
N ARG A 96 -0.87 1.37 19.81
CA ARG A 96 -2.10 1.12 20.55
C ARG A 96 -2.12 1.70 21.98
N VAL A 97 -1.33 2.75 22.17
CA VAL A 97 -1.22 3.39 23.47
C VAL A 97 -2.17 4.57 23.50
N ALA A 98 -2.52 5.06 24.69
CA ALA A 98 -3.23 6.32 24.78
C ALA A 98 -2.09 7.33 24.93
N PRO A 99 -1.95 8.40 24.14
CA PRO A 99 -0.87 9.37 24.26
C PRO A 99 -0.85 10.22 25.51
N GLU A 100 -2.04 10.49 26.11
CA GLU A 100 -2.10 11.36 27.30
C GLU A 100 -1.49 10.85 28.58
N GLU A 101 -0.88 9.66 28.55
CA GLU A 101 -0.07 9.29 29.68
C GLU A 101 1.34 8.85 29.24
N HIS A 102 1.83 9.24 28.04
CA HIS A 102 3.17 8.85 27.62
C HIS A 102 4.06 9.99 27.23
N PRO A 103 5.28 10.21 27.71
CA PRO A 103 6.13 11.29 27.26
C PRO A 103 6.51 10.89 25.84
N THR A 104 6.62 11.83 24.88
CA THR A 104 6.86 11.54 23.47
C THR A 104 8.13 12.21 22.94
N LEU A 105 9.21 11.50 22.53
CA LEU A 105 10.38 12.15 21.94
C LEU A 105 10.17 12.04 20.48
N LEU A 106 10.19 13.19 19.85
CA LEU A 106 10.02 13.32 18.41
C LEU A 106 11.31 13.73 17.71
N THR A 107 11.41 13.60 16.39
CA THR A 107 12.59 14.10 15.76
C THR A 107 12.24 15.13 14.71
N GLU A 108 13.16 16.05 14.46
CA GLU A 108 12.99 16.98 13.34
C GLU A 108 14.24 16.95 12.46
N ALA A 109 14.16 17.63 11.34
CA ALA A 109 15.26 17.72 10.40
C ALA A 109 16.26 18.80 10.73
N PRO A 110 17.46 18.70 10.13
CA PRO A 110 18.52 19.64 10.28
C PRO A 110 18.25 21.13 10.36
N LEU A 111 17.64 21.83 9.42
CA LEU A 111 17.49 23.28 9.60
C LEU A 111 15.99 23.51 9.61
N ASN A 112 15.27 22.71 10.40
CA ASN A 112 13.82 22.74 10.53
C ASN A 112 13.45 24.12 11.03
N PRO A 113 12.59 24.80 10.30
CA PRO A 113 12.13 26.13 10.63
C PRO A 113 11.56 26.25 12.03
N LYS A 114 12.03 27.24 12.79
CA LYS A 114 11.63 27.50 14.19
C LYS A 114 10.15 27.33 14.50
N ALA A 115 9.39 27.81 13.52
CA ALA A 115 7.96 27.84 13.53
C ALA A 115 7.28 26.48 13.49
N ASN A 116 7.92 25.49 12.84
CA ASN A 116 7.47 24.11 12.76
C ASN A 116 7.64 23.42 14.08
N ARG A 117 8.83 23.62 14.72
CA ARG A 117 9.17 22.97 16.00
C ARG A 117 8.15 23.49 16.99
N GLU A 118 7.82 24.78 16.95
CA GLU A 118 6.70 25.31 17.74
C GLU A 118 5.34 24.73 17.30
N LYS A 119 5.06 24.46 16.02
CA LYS A 119 3.77 23.94 15.61
C LYS A 119 3.56 22.51 16.04
N MET A 120 4.50 21.59 15.85
CA MET A 120 4.31 20.24 16.31
C MET A 120 4.25 20.12 17.81
N THR A 121 4.69 21.15 18.51
CA THR A 121 4.61 21.17 19.95
C THR A 121 3.19 21.58 20.29
N GLN A 122 2.68 22.60 19.59
CA GLN A 122 1.30 23.04 19.70
C GLN A 122 0.39 21.83 19.48
N ILE A 123 0.61 20.97 18.47
CA ILE A 123 -0.25 19.83 18.18
C ILE A 123 0.00 18.70 19.16
N MET A 124 1.23 18.49 19.62
CA MET A 124 1.47 17.42 20.56
C MET A 124 0.74 17.72 21.84
N PHE A 125 1.01 18.87 22.45
CA PHE A 125 0.38 19.23 23.71
C PHE A 125 -1.09 19.61 23.59
N GLU A 126 -1.47 20.41 22.59
CA GLU A 126 -2.86 20.82 22.52
C GLU A 126 -3.81 19.89 21.81
N THR A 127 -3.48 19.00 20.84
CA THR A 127 -4.52 18.12 20.34
C THR A 127 -4.26 16.70 20.84
N PHE A 128 -3.04 16.25 21.20
CA PHE A 128 -2.87 14.88 21.71
C PHE A 128 -2.76 14.74 23.22
N ASN A 129 -2.49 15.90 23.85
CA ASN A 129 -2.44 16.06 25.30
C ASN A 129 -1.41 15.09 25.89
N VAL A 130 -0.20 15.07 25.34
CA VAL A 130 0.83 14.17 25.88
C VAL A 130 1.36 14.81 27.19
N PRO A 131 1.84 14.09 28.25
CA PRO A 131 2.34 14.70 29.47
C PRO A 131 3.52 15.66 29.25
N ALA A 132 4.45 15.17 28.43
CA ALA A 132 5.68 15.88 28.10
C ALA A 132 6.22 15.39 26.76
N MET A 133 7.01 16.22 26.11
CA MET A 133 7.60 15.87 24.84
C MET A 133 8.95 16.54 24.66
N TYR A 134 9.62 16.35 23.51
CA TYR A 134 10.99 16.78 23.30
C TYR A 134 11.24 16.58 21.82
N VAL A 135 11.92 17.47 21.12
CA VAL A 135 12.19 17.29 19.70
C VAL A 135 13.71 17.16 19.54
N ALA A 136 14.31 16.01 19.17
CA ALA A 136 15.75 15.93 18.90
C ALA A 136 16.12 16.12 17.44
N ILE A 137 17.29 16.59 17.02
CA ILE A 137 17.59 16.75 15.59
C ILE A 137 18.08 15.41 15.16
N GLN A 138 17.72 14.99 13.96
CA GLN A 138 18.01 13.63 13.54
C GLN A 138 19.47 13.26 13.50
N ALA A 139 20.35 13.92 12.73
CA ALA A 139 21.80 13.61 12.77
C ALA A 139 22.45 13.52 14.16
N VAL A 140 21.91 14.36 15.03
CA VAL A 140 22.40 14.39 16.38
C VAL A 140 22.05 13.07 17.09
N LEU A 141 20.88 12.46 16.89
CA LEU A 141 20.58 11.17 17.50
C LEU A 141 21.35 10.06 16.83
N SER A 142 21.62 10.19 15.56
CA SER A 142 22.39 9.16 14.91
C SER A 142 23.78 9.10 15.48
N LEU A 143 24.44 10.27 15.68
CA LEU A 143 25.79 10.32 16.20
C LEU A 143 26.00 9.69 17.57
N TYR A 144 25.03 10.12 18.37
CA TYR A 144 24.97 9.75 19.76
C TYR A 144 24.73 8.24 19.94
N ALA A 145 23.90 7.66 19.08
CA ALA A 145 23.67 6.24 19.07
C ALA A 145 24.97 5.51 18.66
N SER A 146 25.99 6.18 18.08
CA SER A 146 27.24 5.50 17.79
C SER A 146 28.26 5.81 18.87
N GLY A 147 27.73 6.16 20.05
CA GLY A 147 28.50 6.49 21.22
C GLY A 147 28.93 7.95 21.26
N ARG A 148 29.43 8.57 20.19
CA ARG A 148 30.05 9.88 20.29
C ARG A 148 29.25 11.19 20.28
N THR A 149 29.98 12.29 20.47
CA THR A 149 29.39 13.63 20.54
C THR A 149 29.90 14.65 19.57
N THR A 150 31.01 14.35 18.94
CA THR A 150 31.57 15.17 17.88
C THR A 150 31.84 14.15 16.80
N GLY A 151 31.45 14.61 15.63
CA GLY A 151 31.59 13.88 14.38
C GLY A 151 30.79 14.59 13.31
N ILE A 152 30.71 14.06 12.10
CA ILE A 152 29.88 14.65 11.08
C ILE A 152 29.03 13.48 10.57
N VAL A 153 27.70 13.64 10.54
CA VAL A 153 26.83 12.58 10.06
C VAL A 153 26.45 12.79 8.59
N LEU A 154 26.62 11.77 7.73
CA LEU A 154 26.06 11.86 6.41
C LEU A 154 24.76 11.10 6.61
N ASP A 155 23.67 11.83 6.52
CA ASP A 155 22.37 11.20 6.76
C ASP A 155 21.58 11.21 5.47
N SER A 156 21.04 10.03 5.08
CA SER A 156 20.41 9.79 3.78
C SER A 156 19.26 8.78 3.79
N GLY A 157 18.07 9.28 3.55
CA GLY A 157 16.94 8.39 3.67
C GLY A 157 16.14 8.29 2.41
N ASP A 158 14.88 8.66 2.53
CA ASP A 158 14.04 8.56 1.37
C ASP A 158 13.88 9.81 0.55
N GLY A 159 13.69 11.01 1.08
CA GLY A 159 13.60 12.21 0.27
C GLY A 159 14.84 13.13 0.42
N VAL A 160 15.64 13.16 1.51
CA VAL A 160 16.81 14.05 1.67
C VAL A 160 18.08 13.36 2.09
N THR A 161 19.22 14.01 1.70
CA THR A 161 20.56 13.72 2.20
C THR A 161 21.11 14.96 2.90
N HIS A 162 21.88 14.76 3.94
CA HIS A 162 22.36 15.85 4.76
C HIS A 162 23.72 15.51 5.22
N ASN A 163 24.44 16.55 5.61
CA ASN A 163 25.73 16.44 6.31
C ASN A 163 25.59 17.29 7.53
N VAL A 164 25.65 16.76 8.74
CA VAL A 164 25.45 17.67 9.86
C VAL A 164 26.64 17.50 10.77
N PRO A 165 27.56 18.48 10.75
CA PRO A 165 28.75 18.48 11.58
C PRO A 165 28.25 18.80 12.98
N ILE A 166 28.59 17.98 13.99
CA ILE A 166 28.18 18.21 15.39
C ILE A 166 29.38 18.29 16.31
N TYR A 167 29.45 19.30 17.18
CA TYR A 167 30.57 19.46 18.08
C TYR A 167 30.08 19.52 19.52
N GLU A 168 30.50 18.54 20.33
CA GLU A 168 30.06 18.39 21.70
C GLU A 168 28.57 18.58 21.93
N GLY A 169 27.89 18.11 20.87
CA GLY A 169 26.47 17.96 20.83
C GLY A 169 25.73 19.00 20.05
N TYR A 170 26.34 20.15 19.80
CA TYR A 170 25.66 21.21 19.09
C TYR A 170 25.91 21.10 17.60
N ALA A 171 24.84 20.78 16.84
CA ALA A 171 24.89 20.71 15.40
C ALA A 171 25.22 22.08 14.87
N LEU A 172 26.14 22.15 13.90
CA LEU A 172 26.67 23.43 13.45
C LEU A 172 25.92 24.02 12.26
N PRO A 173 24.91 24.84 12.52
CA PRO A 173 24.04 25.42 11.48
C PRO A 173 24.61 25.86 10.14
N HIS A 174 25.68 26.61 10.21
CA HIS A 174 26.31 27.12 9.00
C HIS A 174 27.19 26.09 8.30
N ALA A 175 27.25 24.83 8.68
CA ALA A 175 28.15 23.95 7.96
C ALA A 175 27.40 22.78 7.37
N ILE A 176 26.10 22.67 7.77
CA ILE A 176 25.10 21.67 7.31
C ILE A 176 24.81 21.81 5.81
N MET A 177 24.78 20.69 5.06
CA MET A 177 24.51 20.69 3.62
C MET A 177 23.40 19.70 3.40
N ARG A 178 22.55 20.09 2.49
CA ARG A 178 21.41 19.29 2.10
C ARG A 178 21.45 19.02 0.61
N LEU A 179 21.28 17.77 0.25
CA LEU A 179 21.29 17.35 -1.13
C LEU A 179 19.98 16.62 -1.30
N ASP A 180 19.03 17.19 -2.05
CA ASP A 180 17.76 16.55 -2.35
C ASP A 180 17.83 15.41 -3.39
N LEU A 181 18.57 14.32 -3.13
CA LEU A 181 18.57 13.13 -3.96
C LEU A 181 18.80 12.02 -2.98
N ALA A 182 17.86 11.09 -2.89
CA ALA A 182 17.94 10.02 -1.94
C ALA A 182 17.39 8.71 -2.48
N GLY A 183 16.96 7.76 -1.62
CA GLY A 183 16.53 6.43 -2.03
C GLY A 183 15.35 6.35 -2.98
N ARG A 184 14.47 7.36 -2.93
CA ARG A 184 13.27 7.52 -3.76
C ARG A 184 13.74 7.80 -5.18
N ASP A 185 14.60 8.81 -5.35
CA ASP A 185 15.23 9.19 -6.61
C ASP A 185 15.98 7.98 -7.18
N LEU A 186 16.69 7.27 -6.30
CA LEU A 186 17.48 6.08 -6.63
C LEU A 186 16.74 4.84 -7.12
N THR A 187 15.50 4.66 -6.67
CA THR A 187 14.66 3.55 -7.12
C THR A 187 14.15 3.91 -8.51
N ASP A 188 13.91 5.19 -8.80
CA ASP A 188 13.35 5.55 -10.08
C ASP A 188 14.40 5.56 -11.15
N TYR A 189 15.65 5.75 -10.77
CA TYR A 189 16.73 5.69 -11.73
C TYR A 189 17.00 4.23 -12.03
N LEU A 190 16.96 3.33 -11.06
CA LEU A 190 17.21 1.92 -11.33
C LEU A 190 16.19 1.44 -12.33
N MET A 191 14.95 1.85 -12.07
CA MET A 191 13.79 1.57 -12.88
C MET A 191 14.06 1.76 -14.36
N LYS A 192 14.53 2.98 -14.69
CA LYS A 192 14.88 3.29 -16.05
C LYS A 192 16.08 2.46 -16.41
N ILE A 193 17.26 2.36 -15.75
CA ILE A 193 18.34 1.52 -16.28
C ILE A 193 18.03 0.04 -16.42
N LEU A 194 16.91 -0.39 -15.82
CA LEU A 194 16.48 -1.76 -15.86
C LEU A 194 15.46 -1.93 -16.99
N THR A 195 14.62 -0.93 -17.30
CA THR A 195 13.74 -1.02 -18.48
C THR A 195 14.61 -0.89 -19.73
N GLU A 196 15.65 -0.05 -19.57
CA GLU A 196 16.67 0.25 -20.55
C GLU A 196 17.54 -1.01 -20.78
N ARG A 197 17.63 -1.94 -19.82
CA ARG A 197 18.28 -3.25 -20.02
C ARG A 197 17.38 -4.15 -20.90
N GLY A 198 16.20 -3.63 -21.30
CA GLY A 198 15.26 -4.32 -22.16
C GLY A 198 14.20 -4.98 -21.29
N TYR A 199 13.45 -4.21 -20.48
CA TYR A 199 12.44 -4.78 -19.59
C TYR A 199 11.22 -3.90 -19.47
N SER A 200 10.25 -4.46 -18.73
CA SER A 200 8.99 -3.78 -18.47
C SER A 200 8.37 -4.04 -17.11
N PHE A 201 8.29 -2.90 -16.44
CA PHE A 201 7.67 -2.85 -15.14
C PHE A 201 6.43 -2.05 -15.49
N VAL A 202 5.53 -2.97 -15.80
CA VAL A 202 4.27 -2.55 -16.36
C VAL A 202 3.17 -2.47 -15.32
N THR A 203 2.76 -3.58 -14.68
CA THR A 203 1.71 -3.51 -13.64
C THR A 203 2.31 -3.01 -12.33
N THR A 204 1.46 -2.67 -11.34
CA THR A 204 1.95 -2.13 -10.08
C THR A 204 2.73 -3.15 -9.26
N ALA A 205 2.53 -4.45 -9.53
CA ALA A 205 3.32 -5.51 -8.92
C ALA A 205 4.72 -5.67 -9.54
N GLU A 206 4.97 -4.92 -10.61
CA GLU A 206 6.26 -4.88 -11.24
C GLU A 206 6.92 -3.63 -10.70
N ARG A 207 6.25 -2.46 -10.72
CA ARG A 207 6.78 -1.22 -10.13
C ARG A 207 7.42 -1.38 -8.73
N GLU A 208 6.65 -1.88 -7.76
CA GLU A 208 7.02 -1.93 -6.35
C GLU A 208 8.28 -2.72 -6.06
N ILE A 209 8.41 -3.85 -6.75
CA ILE A 209 9.53 -4.74 -6.55
C ILE A 209 10.88 -4.24 -7.13
N VAL A 210 10.92 -3.17 -7.97
CA VAL A 210 12.19 -2.62 -8.45
C VAL A 210 12.91 -2.07 -7.21
N ARG A 211 12.13 -1.58 -6.26
CA ARG A 211 12.64 -1.07 -5.02
C ARG A 211 13.23 -2.22 -4.19
N ASP A 212 12.66 -3.42 -4.23
CA ASP A 212 13.18 -4.58 -3.49
C ASP A 212 14.40 -5.17 -4.17
N ILE A 213 14.53 -4.90 -5.49
CA ILE A 213 15.74 -5.25 -6.24
C ILE A 213 16.86 -4.32 -5.76
N LYS A 214 16.65 -2.99 -5.81
CA LYS A 214 17.57 -1.97 -5.29
C LYS A 214 18.07 -2.33 -3.92
N GLU A 215 17.19 -2.61 -2.96
CA GLU A 215 17.61 -2.96 -1.60
C GLU A 215 18.43 -4.25 -1.59
N LYS A 216 17.97 -5.39 -2.12
CA LYS A 216 18.67 -6.67 -2.04
C LYS A 216 19.98 -6.87 -2.83
N LEU A 217 19.93 -6.47 -4.11
CA LEU A 217 21.04 -6.68 -5.03
C LEU A 217 21.93 -5.50 -5.26
N CYS A 218 21.57 -4.23 -5.00
CA CYS A 218 22.50 -3.12 -5.21
C CYS A 218 23.67 -2.94 -4.27
N TYR A 219 24.72 -2.48 -4.97
CA TYR A 219 26.10 -2.37 -4.50
C TYR A 219 26.72 -1.01 -4.73
N VAL A 220 27.70 -0.62 -3.90
CA VAL A 220 28.50 0.57 -4.21
C VAL A 220 29.88 0.00 -4.29
N ALA A 221 30.26 -0.05 -5.53
CA ALA A 221 31.60 -0.47 -5.80
C ALA A 221 32.59 0.68 -5.64
N LEU A 222 33.71 0.20 -5.13
CA LEU A 222 34.93 0.97 -5.05
C LEU A 222 35.61 0.61 -6.35
N ASP A 223 36.09 1.69 -6.97
CA ASP A 223 36.65 1.68 -8.31
C ASP A 223 35.57 1.17 -9.27
N PHE A 224 34.62 2.10 -9.37
CA PHE A 224 33.41 1.98 -10.18
C PHE A 224 33.76 2.04 -11.65
N GLU A 225 35.00 2.54 -11.87
CA GLU A 225 35.72 2.67 -13.14
C GLU A 225 35.97 1.31 -13.82
N ASN A 226 36.85 0.55 -13.12
CA ASN A 226 37.21 -0.78 -13.54
C ASN A 226 36.29 -1.78 -12.89
N GLU A 227 35.00 -1.46 -12.90
CA GLU A 227 33.94 -2.35 -12.46
C GLU A 227 32.95 -2.50 -13.64
N MET A 228 32.83 -1.40 -14.38
CA MET A 228 32.19 -1.34 -15.67
C MET A 228 33.07 -2.17 -16.61
N ALA A 229 34.39 -1.91 -16.62
CA ALA A 229 35.38 -2.67 -17.38
C ALA A 229 35.26 -4.18 -17.09
N THR A 230 35.13 -4.50 -15.80
CA THR A 230 34.88 -5.88 -15.38
C THR A 230 33.58 -6.45 -15.95
N ALA A 231 32.53 -5.60 -15.97
CA ALA A 231 31.20 -5.98 -16.45
C ALA A 231 31.24 -6.56 -17.85
N ALA A 232 32.06 -5.88 -18.67
CA ALA A 232 32.31 -6.20 -20.10
C ALA A 232 33.00 -7.53 -20.41
N SER A 233 34.07 -7.87 -19.68
CA SER A 233 34.73 -9.17 -19.76
C SER A 233 33.75 -10.29 -19.38
N SER A 234 32.69 -9.87 -18.64
CA SER A 234 31.58 -10.66 -18.12
C SER A 234 32.00 -11.94 -17.43
N SER A 235 32.15 -11.51 -16.18
CA SER A 235 32.46 -12.40 -15.09
C SER A 235 31.11 -12.87 -14.56
N SER A 236 31.23 -13.68 -13.50
CA SER A 236 30.06 -14.12 -12.76
C SER A 236 29.74 -13.00 -11.75
N LEU A 237 29.60 -11.74 -12.28
CA LEU A 237 29.22 -10.55 -11.53
C LEU A 237 27.69 -10.40 -11.59
N GLU A 238 27.05 -10.89 -12.68
CA GLU A 238 25.58 -10.86 -12.89
C GLU A 238 24.70 -11.39 -11.75
N LYS A 239 23.45 -10.92 -11.67
CA LYS A 239 22.57 -11.41 -10.62
C LYS A 239 21.10 -11.41 -10.98
N SER A 240 20.54 -12.61 -11.12
CA SER A 240 19.13 -12.77 -11.42
C SER A 240 18.24 -12.99 -10.21
N TYR A 241 17.19 -12.16 -10.21
CA TYR A 241 16.14 -12.09 -9.20
C TYR A 241 14.87 -12.73 -9.79
N GLU A 242 14.14 -13.58 -9.06
CA GLU A 242 12.86 -14.12 -9.54
C GLU A 242 11.70 -13.23 -9.08
N LEU A 243 10.92 -12.75 -10.07
CA LEU A 243 9.83 -11.79 -9.85
C LEU A 243 8.63 -12.30 -9.01
N PRO A 244 7.41 -11.67 -8.81
CA PRO A 244 6.31 -12.26 -8.01
C PRO A 244 5.91 -13.68 -8.47
N ASP A 245 6.05 -13.83 -9.80
CA ASP A 245 5.92 -15.08 -10.56
C ASP A 245 7.34 -15.62 -10.97
N GLY A 246 7.42 -16.50 -12.00
CA GLY A 246 8.66 -17.11 -12.48
C GLY A 246 9.66 -16.13 -13.09
N GLN A 247 9.16 -15.30 -14.02
CA GLN A 247 9.89 -14.26 -14.74
C GLN A 247 11.22 -13.74 -14.14
N VAL A 248 12.20 -14.62 -14.29
CA VAL A 248 13.54 -14.37 -13.79
C VAL A 248 14.22 -13.26 -14.58
N ILE A 249 14.34 -12.16 -13.85
CA ILE A 249 14.98 -11.00 -14.41
C ILE A 249 16.46 -11.00 -14.04
N THR A 250 17.35 -10.63 -14.97
CA THR A 250 18.78 -10.56 -14.66
C THR A 250 19.30 -9.10 -14.66
N ILE A 251 20.15 -8.88 -13.66
CA ILE A 251 20.76 -7.61 -13.37
C ILE A 251 22.18 -7.97 -13.08
N GLY A 252 23.04 -7.56 -13.99
CA GLY A 252 24.43 -7.83 -13.76
C GLY A 252 25.12 -6.64 -13.18
N ASN A 253 25.19 -5.76 -14.16
CA ASN A 253 25.96 -4.52 -14.17
C ASN A 253 25.27 -3.36 -13.42
N GLU A 254 24.09 -2.85 -13.87
CA GLU A 254 23.26 -1.78 -13.25
C GLU A 254 23.07 -1.74 -11.74
N ARG A 255 23.20 -2.95 -11.23
CA ARG A 255 23.35 -3.28 -9.84
C ARG A 255 24.17 -2.22 -9.02
N PHE A 256 25.27 -1.69 -9.60
CA PHE A 256 26.11 -0.66 -8.98
C PHE A 256 26.02 0.69 -9.71
N ARG A 257 25.45 0.73 -10.90
CA ARG A 257 25.27 1.98 -11.63
C ARG A 257 24.27 2.87 -10.90
N CYS A 258 23.40 2.23 -10.11
CA CYS A 258 22.39 2.91 -9.29
C CYS A 258 23.05 3.66 -8.10
N PRO A 259 23.82 3.10 -7.15
CA PRO A 259 24.48 3.86 -6.10
C PRO A 259 25.63 4.74 -6.65
N GLU A 260 26.28 4.50 -7.82
CA GLU A 260 27.25 5.43 -8.41
C GLU A 260 26.45 6.74 -8.61
N THR A 261 25.10 6.78 -8.60
CA THR A 261 24.36 8.03 -8.72
C THR A 261 24.64 8.90 -7.52
N LEU A 262 24.72 8.34 -6.32
CA LEU A 262 25.09 9.14 -5.13
C LEU A 262 26.44 9.87 -5.20
N PHE A 263 27.45 9.41 -5.98
CA PHE A 263 28.73 10.11 -6.15
C PHE A 263 28.74 10.98 -7.40
N GLN A 264 27.95 10.58 -8.38
CA GLN A 264 27.76 11.29 -9.64
C GLN A 264 26.27 11.59 -9.80
N PRO A 265 25.80 12.79 -9.43
CA PRO A 265 24.41 13.23 -9.56
C PRO A 265 24.11 13.49 -11.04
N SER A 266 25.19 13.64 -11.85
CA SER A 266 25.14 13.82 -13.31
C SER A 266 24.47 12.68 -14.11
N PHE A 267 24.41 11.49 -13.46
CA PHE A 267 23.70 10.30 -13.94
C PHE A 267 22.21 10.55 -14.01
N ILE A 268 21.78 11.56 -13.26
CA ILE A 268 20.36 11.87 -13.21
C ILE A 268 20.06 13.32 -13.50
N GLY A 269 20.88 13.99 -14.30
CA GLY A 269 20.58 15.36 -14.63
C GLY A 269 20.62 16.29 -13.43
N MET A 270 21.34 15.85 -12.39
CA MET A 270 21.59 16.75 -11.28
C MET A 270 22.97 17.39 -11.47
N GLU A 271 22.98 18.71 -11.31
CA GLU A 271 24.19 19.53 -11.37
C GLU A 271 24.91 19.77 -10.02
N SER A 272 24.26 19.39 -8.91
CA SER A 272 24.82 19.44 -7.57
C SER A 272 26.02 18.52 -7.45
N ALA A 273 26.81 18.81 -6.41
CA ALA A 273 27.98 17.98 -6.08
C ALA A 273 27.54 16.65 -5.45
N GLY A 274 28.42 15.68 -5.24
CA GLY A 274 27.99 14.41 -4.69
C GLY A 274 28.42 14.18 -3.24
N ILE A 275 27.74 13.23 -2.59
CA ILE A 275 27.98 12.80 -1.21
C ILE A 275 29.37 13.03 -0.59
N HIS A 276 30.44 12.56 -1.24
CA HIS A 276 31.80 12.67 -0.73
C HIS A 276 32.40 14.06 -0.77
N GLU A 277 32.09 14.78 -1.83
CA GLU A 277 32.55 16.14 -1.97
C GLU A 277 31.83 16.97 -0.98
N THR A 278 30.57 16.65 -0.77
CA THR A 278 29.73 17.40 0.12
C THR A 278 30.18 17.13 1.55
N THR A 279 30.56 15.92 1.93
CA THR A 279 31.12 15.60 3.25
C THR A 279 32.29 16.56 3.58
N TYR A 280 33.11 16.66 2.53
CA TYR A 280 34.29 17.43 2.54
C TYR A 280 33.93 18.88 2.61
N ASN A 281 33.03 19.40 1.79
CA ASN A 281 32.83 20.83 1.79
C ASN A 281 32.27 21.33 3.10
N SER A 282 31.49 20.47 3.78
CA SER A 282 30.88 20.75 5.07
C SER A 282 32.03 21.02 6.01
N ILE A 283 33.02 20.11 5.85
CA ILE A 283 34.21 20.10 6.68
C ILE A 283 35.06 21.30 6.35
N MET A 284 35.37 21.74 5.12
CA MET A 284 36.16 22.96 5.01
C MET A 284 35.35 24.26 5.24
N LYS A 285 34.08 24.13 5.72
CA LYS A 285 33.21 25.24 6.19
C LYS A 285 33.18 25.40 7.71
N CYS A 286 33.81 24.45 8.42
CA CYS A 286 33.87 24.42 9.86
C CYS A 286 35.13 25.02 10.43
N ASP A 287 35.22 25.25 11.74
CA ASP A 287 36.44 25.74 12.31
C ASP A 287 37.50 24.69 12.07
N ILE A 288 38.69 25.26 11.87
CA ILE A 288 40.01 24.62 11.57
C ILE A 288 40.55 23.60 12.58
N ASP A 289 40.42 24.02 13.84
CA ASP A 289 40.83 23.22 14.96
C ASP A 289 39.87 22.04 15.07
N ILE A 290 38.59 22.09 14.63
CA ILE A 290 37.70 20.93 14.77
C ILE A 290 37.76 20.00 13.59
N ARG A 291 38.38 20.40 12.48
CA ARG A 291 38.41 19.54 11.32
C ARG A 291 39.17 18.23 11.60
N LYS A 292 40.15 18.00 12.49
CA LYS A 292 40.66 16.62 12.59
C LYS A 292 39.61 15.68 13.19
N ASP A 293 38.72 16.24 14.05
CA ASP A 293 37.71 15.48 14.75
C ASP A 293 36.64 14.97 13.80
N LEU A 294 36.06 15.89 13.05
CA LEU A 294 35.09 15.54 12.06
C LEU A 294 35.63 14.49 11.10
N TYR A 295 36.90 14.58 10.68
CA TYR A 295 37.44 13.62 9.74
C TYR A 295 37.57 12.23 10.29
N ALA A 296 37.84 12.09 11.56
CA ALA A 296 37.95 10.74 12.10
C ALA A 296 36.60 10.23 12.59
N ASN A 297 35.50 10.94 12.26
CA ASN A 297 34.20 10.56 12.76
C ASN A 297 33.08 10.90 11.81
N ASN A 298 33.13 10.23 10.68
CA ASN A 298 32.12 10.34 9.65
C ASN A 298 31.15 9.23 9.95
N VAL A 299 30.05 9.54 10.58
CA VAL A 299 29.10 8.53 10.96
C VAL A 299 28.07 8.58 9.87
N MET A 300 27.71 7.37 9.43
CA MET A 300 26.67 7.24 8.44
C MET A 300 25.34 6.74 9.01
N SER A 301 24.25 7.36 8.59
CA SER A 301 22.97 6.80 8.97
C SER A 301 21.98 7.01 7.84
N GLY A 302 20.94 6.17 7.83
CA GLY A 302 19.88 6.26 6.86
C GLY A 302 19.77 5.06 5.90
N GLY A 303 18.53 4.75 5.49
CA GLY A 303 18.27 3.63 4.62
C GLY A 303 19.14 3.64 3.37
N THR A 304 19.34 4.76 2.72
CA THR A 304 20.10 4.78 1.50
C THR A 304 21.59 4.65 1.73
N THR A 305 22.14 4.69 2.95
CA THR A 305 23.58 4.50 3.16
C THR A 305 23.92 3.04 3.44
N MET A 306 22.92 2.16 3.24
CA MET A 306 23.07 0.74 3.53
C MET A 306 23.66 -0.06 2.38
N TYR A 307 23.69 0.47 1.13
CA TYR A 307 24.28 -0.19 -0.03
C TYR A 307 25.65 -0.73 0.32
N PRO A 308 25.98 -2.03 0.38
CA PRO A 308 27.33 -2.50 0.72
C PRO A 308 28.46 -1.77 -0.06
N GLY A 309 29.59 -1.55 0.63
CA GLY A 309 30.77 -0.94 0.02
C GLY A 309 30.70 0.56 -0.15
N ILE A 310 29.74 1.12 0.59
CA ILE A 310 29.47 2.56 0.59
C ILE A 310 30.51 3.28 1.39
N ALA A 311 30.88 2.58 2.48
CA ALA A 311 31.83 3.05 3.45
C ALA A 311 33.21 3.02 2.82
N ASP A 312 33.65 1.91 2.14
CA ASP A 312 34.96 1.81 1.49
C ASP A 312 35.15 2.88 0.41
N ARG A 313 34.13 3.08 -0.43
CA ARG A 313 34.15 4.11 -1.46
C ARG A 313 34.28 5.45 -0.74
N MET A 314 33.52 5.74 0.33
CA MET A 314 33.61 7.03 1.01
C MET A 314 34.93 7.28 1.71
N GLN A 315 35.51 6.18 2.17
CA GLN A 315 36.79 6.10 2.86
C GLN A 315 37.87 6.63 1.97
N LYS A 316 37.88 6.05 0.78
CA LYS A 316 38.83 6.45 -0.24
C LYS A 316 38.46 7.71 -0.96
N GLU A 317 37.19 8.06 -0.91
CA GLU A 317 36.79 9.26 -1.58
C GLU A 317 37.29 10.48 -0.80
N ILE A 318 37.16 10.45 0.54
CA ILE A 318 37.62 11.62 1.26
C ILE A 318 39.09 11.50 1.63
N THR A 319 39.75 10.35 1.74
CA THR A 319 41.20 10.32 2.02
C THR A 319 41.94 11.13 0.95
N ALA A 320 41.54 10.81 -0.28
CA ALA A 320 42.09 11.47 -1.43
C ALA A 320 41.62 12.91 -1.70
N LEU A 321 40.89 13.55 -0.76
CA LEU A 321 40.58 14.97 -0.88
C LEU A 321 41.10 15.74 0.33
N ALA A 322 41.27 14.97 1.42
CA ALA A 322 41.75 15.48 2.68
C ALA A 322 43.28 15.60 2.74
N PRO A 323 43.88 16.56 3.48
CA PRO A 323 45.34 16.73 3.59
C PRO A 323 45.96 15.45 4.17
N SER A 324 47.02 14.82 3.62
CA SER A 324 47.55 13.53 4.13
C SER A 324 47.94 13.35 5.60
N THR A 325 48.10 14.50 6.24
CA THR A 325 48.38 14.61 7.67
C THR A 325 47.17 14.16 8.49
N MET A 326 46.03 13.92 7.81
CA MET A 326 44.77 13.65 8.45
C MET A 326 44.44 12.19 8.53
N LYS A 327 43.69 11.91 9.58
CA LYS A 327 43.12 10.60 9.79
C LYS A 327 41.66 10.68 9.33
N ILE A 328 41.31 9.78 8.42
CA ILE A 328 39.96 9.66 7.89
C ILE A 328 39.33 8.50 8.69
N LYS A 329 38.02 8.52 8.99
CA LYS A 329 37.37 7.35 9.58
C LYS A 329 35.87 7.39 9.40
N ILE A 330 35.42 6.46 8.52
CA ILE A 330 34.02 6.33 8.12
C ILE A 330 33.32 5.22 8.89
N ILE A 331 32.55 5.60 9.91
CA ILE A 331 31.80 4.67 10.72
C ILE A 331 30.42 4.52 10.04
N ALA A 332 30.09 3.26 9.78
CA ALA A 332 28.83 2.83 9.19
C ALA A 332 28.33 1.62 9.99
N PRO A 333 27.54 1.74 11.04
CA PRO A 333 27.05 0.60 11.80
C PRO A 333 26.00 -0.20 11.02
N PRO A 334 25.73 -1.46 11.42
CA PRO A 334 24.77 -2.35 10.78
C PRO A 334 23.34 -1.93 11.00
N GLU A 335 23.00 -1.43 12.19
CA GLU A 335 21.64 -1.06 12.39
C GLU A 335 21.39 0.30 11.77
N ARG A 336 22.29 0.96 11.04
CA ARG A 336 22.08 2.31 10.52
C ARG A 336 20.75 2.77 9.91
N LYS A 337 19.93 1.89 9.34
CA LYS A 337 18.60 2.29 8.88
C LYS A 337 17.75 2.72 10.09
N TYR A 338 18.07 2.40 11.36
CA TYR A 338 17.39 2.93 12.54
C TYR A 338 18.33 3.73 13.50
N SER A 339 19.50 4.26 13.12
CA SER A 339 20.41 4.98 14.03
C SER A 339 19.73 6.08 14.81
N VAL A 340 19.06 6.92 14.02
CA VAL A 340 18.27 8.03 14.49
C VAL A 340 17.36 7.56 15.60
N TRP A 341 16.60 6.47 15.36
CA TRP A 341 15.59 6.03 16.30
C TRP A 341 16.23 5.50 17.58
N ILE A 342 17.33 4.75 17.39
CA ILE A 342 17.98 4.06 18.47
C ILE A 342 18.60 5.10 19.35
N GLY A 343 19.16 6.18 18.76
CA GLY A 343 19.76 7.28 19.50
C GLY A 343 18.71 7.96 20.37
N GLY A 344 17.46 7.98 19.91
CA GLY A 344 16.37 8.57 20.64
C GLY A 344 15.95 7.64 21.76
N SER A 345 15.93 6.32 21.52
CA SER A 345 15.57 5.34 22.50
C SER A 345 16.49 5.34 23.71
N ILE A 346 17.78 5.49 23.39
CA ILE A 346 18.84 5.54 24.39
C ILE A 346 18.64 6.78 25.24
N LEU A 347 18.70 7.92 24.55
CA LEU A 347 18.59 9.22 25.16
C LEU A 347 17.34 9.35 26.02
N ALA A 348 16.20 8.94 25.48
CA ALA A 348 14.96 9.15 26.20
C ALA A 348 14.80 8.17 27.33
N SER A 349 15.46 7.02 27.28
CA SER A 349 15.34 6.10 28.42
C SER A 349 16.36 6.46 29.51
N LEU A 350 17.35 7.27 29.13
CA LEU A 350 18.38 7.76 30.03
C LEU A 350 17.87 8.51 31.25
N SER A 351 18.69 8.13 32.22
CA SER A 351 18.69 8.59 33.60
C SER A 351 18.80 10.11 33.67
N THR A 352 19.58 10.78 32.82
CA THR A 352 19.71 12.24 32.91
C THR A 352 18.81 13.11 32.05
N PHE A 353 17.97 12.47 31.25
CA PHE A 353 17.18 13.19 30.28
C PHE A 353 15.88 13.77 30.83
N GLN A 354 15.55 13.23 31.99
CA GLN A 354 14.31 13.57 32.62
C GLN A 354 14.17 15.06 32.81
N GLN A 355 15.26 15.72 33.20
CA GLN A 355 15.24 17.16 33.36
C GLN A 355 15.23 17.97 32.06
N MET A 356 15.26 17.38 30.84
CA MET A 356 15.02 18.16 29.61
C MET A 356 13.64 17.97 28.98
N TRP A 357 12.82 17.00 29.42
CA TRP A 357 11.46 16.85 28.93
C TRP A 357 10.60 18.11 28.99
N ILE A 358 10.00 18.68 27.92
CA ILE A 358 9.11 19.85 28.09
C ILE A 358 7.76 19.38 28.63
N THR A 359 7.38 19.78 29.85
CA THR A 359 6.13 19.32 30.43
C THR A 359 5.00 20.28 30.12
N LYS A 360 3.75 19.81 30.14
CA LYS A 360 2.58 20.67 30.03
C LYS A 360 2.62 21.86 30.98
N GLN A 361 3.33 21.73 32.13
CA GLN A 361 3.52 22.82 33.09
C GLN A 361 4.35 23.83 32.29
N GLU A 362 5.57 23.51 31.83
CA GLU A 362 6.33 24.44 31.00
C GLU A 362 5.52 25.08 29.87
N TYR A 363 4.79 24.25 29.13
CA TYR A 363 4.03 24.74 28.01
C TYR A 363 2.89 25.67 28.40
N ASP A 364 1.92 25.22 29.21
CA ASP A 364 0.76 26.04 29.59
C ASP A 364 1.21 27.39 30.17
N GLU A 365 2.43 27.40 30.70
CA GLU A 365 3.01 28.61 31.23
C GLU A 365 3.91 29.41 30.30
N ALA A 366 4.64 28.83 29.33
CA ALA A 366 5.59 29.58 28.48
C ALA A 366 5.29 29.78 26.97
N GLY A 367 4.25 29.07 26.50
CA GLY A 367 3.83 29.04 25.10
C GLY A 367 4.79 28.17 24.29
N PRO A 368 4.58 27.89 23.00
CA PRO A 368 5.38 26.93 22.21
C PRO A 368 6.87 27.23 22.13
N SER A 369 7.15 28.50 22.44
CA SER A 369 8.45 29.07 22.55
C SER A 369 9.33 28.24 23.47
N ILE A 370 8.78 27.76 24.61
CA ILE A 370 9.48 26.95 25.59
C ILE A 370 10.36 25.82 25.05
N VAL A 371 9.81 24.97 24.18
CA VAL A 371 10.52 23.82 23.64
C VAL A 371 11.38 24.23 22.45
N HIS A 372 11.00 25.35 21.83
CA HIS A 372 11.70 25.77 20.65
C HIS A 372 13.21 25.98 20.89
N ARG A 373 13.61 26.33 22.12
CA ARG A 373 14.99 26.61 22.54
C ARG A 373 15.44 27.86 21.75
N LEU B 1 -35.28 -2.10 -12.13
CA LEU B 1 -33.99 -2.41 -11.57
C LEU B 1 -33.38 -3.54 -12.40
N LYS B 2 -32.27 -3.30 -13.08
CA LYS B 2 -31.64 -4.30 -13.88
C LYS B 2 -30.45 -4.75 -13.11
N ILE B 3 -30.42 -6.00 -12.70
CA ILE B 3 -29.35 -6.60 -11.91
C ILE B 3 -28.58 -7.58 -12.73
N ALA B 4 -27.26 -7.74 -12.57
CA ALA B 4 -26.50 -8.72 -13.34
C ALA B 4 -25.25 -9.24 -12.65
N ALA B 5 -24.69 -10.38 -13.10
CA ALA B 5 -23.46 -10.97 -12.55
C ALA B 5 -22.58 -11.24 -13.74
N PHE B 6 -21.32 -10.89 -13.71
CA PHE B 6 -20.51 -10.89 -14.88
C PHE B 6 -19.13 -11.34 -14.48
N ASN B 7 -18.68 -12.49 -14.92
CA ASN B 7 -17.34 -12.99 -14.65
C ASN B 7 -16.50 -12.49 -15.81
N ILE B 8 -15.62 -11.52 -15.49
CA ILE B 8 -14.76 -11.01 -16.54
C ILE B 8 -13.46 -11.76 -16.30
N ARG B 9 -13.05 -12.55 -17.26
CA ARG B 9 -11.85 -13.34 -17.11
C ARG B 9 -10.63 -12.46 -16.78
N THR B 10 -10.04 -12.63 -15.59
CA THR B 10 -8.79 -11.97 -15.24
C THR B 10 -8.96 -10.45 -15.36
N PHE B 11 -10.06 -9.89 -14.85
CA PHE B 11 -10.21 -8.46 -14.84
C PHE B 11 -9.01 -8.01 -14.02
N GLY B 12 -8.21 -7.16 -14.67
CA GLY B 12 -6.99 -6.71 -14.04
C GLY B 12 -6.52 -5.46 -14.72
N GLU B 13 -5.36 -4.99 -14.26
CA GLU B 13 -4.71 -3.77 -14.75
C GLU B 13 -4.46 -3.72 -16.21
N THR B 14 -4.07 -4.90 -16.61
CA THR B 14 -3.75 -5.18 -18.00
C THR B 14 -5.01 -5.10 -18.79
N LYS B 15 -6.10 -5.78 -18.36
CA LYS B 15 -7.34 -5.80 -19.11
C LYS B 15 -7.89 -4.40 -19.21
N MET B 16 -7.81 -3.67 -18.11
CA MET B 16 -8.26 -2.30 -18.12
C MET B 16 -7.35 -1.39 -18.92
N SER B 17 -6.09 -1.73 -19.13
CA SER B 17 -5.26 -0.91 -19.96
C SER B 17 -5.62 -0.96 -21.44
N ASN B 18 -6.24 -1.99 -22.08
CA ASN B 18 -6.61 -1.92 -23.51
C ASN B 18 -7.76 -0.96 -23.49
N ALA B 19 -7.79 -0.09 -24.47
CA ALA B 19 -8.82 0.90 -24.53
C ALA B 19 -10.10 0.33 -25.12
N THR B 20 -9.86 -0.51 -26.12
CA THR B 20 -10.91 -1.15 -26.87
C THR B 20 -11.59 -2.09 -25.91
N LEU B 21 -10.86 -2.98 -25.19
CA LEU B 21 -11.45 -3.83 -24.19
C LEU B 21 -12.16 -3.05 -23.07
N ALA B 22 -11.45 -2.04 -22.51
CA ALA B 22 -11.98 -1.16 -21.48
C ALA B 22 -13.26 -0.49 -21.90
N SER B 23 -13.39 -0.10 -23.16
CA SER B 23 -14.60 0.58 -23.60
C SER B 23 -15.81 -0.36 -23.63
N TYR B 24 -15.62 -1.66 -23.80
CA TYR B 24 -16.69 -2.62 -24.00
C TYR B 24 -17.05 -3.03 -22.62
N ILE B 25 -16.11 -3.25 -21.68
CA ILE B 25 -16.47 -3.53 -20.30
C ILE B 25 -17.31 -2.37 -19.73
N VAL B 26 -16.88 -1.12 -19.85
CA VAL B 26 -17.65 0.04 -19.43
C VAL B 26 -19.05 0.16 -20.04
N ARG B 27 -19.20 -0.24 -21.29
CA ARG B 27 -20.47 -0.19 -21.96
C ARG B 27 -21.39 -1.27 -21.51
N ILE B 28 -20.90 -2.43 -21.08
CA ILE B 28 -21.72 -3.54 -20.64
C ILE B 28 -22.33 -3.24 -19.28
N VAL B 29 -21.39 -2.78 -18.42
CA VAL B 29 -21.54 -2.38 -17.02
C VAL B 29 -22.56 -1.27 -16.96
N ARG B 30 -22.56 -0.34 -17.92
CA ARG B 30 -23.58 0.69 -17.87
C ARG B 30 -24.97 0.19 -18.27
N ARG B 31 -25.22 -1.12 -18.50
CA ARG B 31 -26.58 -1.49 -18.82
C ARG B 31 -27.39 -1.80 -17.57
N TYR B 32 -26.67 -1.95 -16.42
CA TYR B 32 -27.14 -2.41 -15.14
C TYR B 32 -27.18 -1.41 -14.01
N ASP B 33 -28.20 -1.48 -13.14
CA ASP B 33 -28.27 -0.72 -11.91
C ASP B 33 -27.51 -1.39 -10.76
N ILE B 34 -27.23 -2.71 -10.75
CA ILE B 34 -26.42 -3.42 -9.77
C ILE B 34 -25.61 -4.41 -10.60
N VAL B 35 -24.30 -4.49 -10.56
CA VAL B 35 -23.50 -5.45 -11.36
C VAL B 35 -22.54 -6.12 -10.35
N LEU B 36 -22.33 -7.45 -10.43
CA LEU B 36 -21.29 -8.19 -9.67
C LEU B 36 -20.24 -8.67 -10.71
N ILE B 37 -18.96 -8.43 -10.42
CA ILE B 37 -17.90 -8.75 -11.37
C ILE B 37 -17.05 -9.66 -10.55
N GLN B 38 -16.77 -10.84 -11.17
CA GLN B 38 -15.98 -11.93 -10.63
C GLN B 38 -14.64 -11.99 -11.34
N GLU B 39 -13.65 -12.66 -10.72
CA GLU B 39 -12.30 -12.87 -11.24
C GLU B 39 -11.54 -11.58 -11.26
N VAL B 40 -11.83 -10.74 -10.27
CA VAL B 40 -11.22 -9.45 -10.09
C VAL B 40 -9.87 -9.79 -9.48
N ARG B 41 -8.84 -9.87 -10.33
CA ARG B 41 -7.51 -10.13 -9.83
C ARG B 41 -6.79 -8.81 -9.79
N ASP B 42 -7.03 -7.99 -8.75
CA ASP B 42 -6.50 -6.63 -8.69
C ASP B 42 -5.87 -6.43 -7.32
N SER B 43 -4.53 -6.43 -7.22
CA SER B 43 -3.82 -6.41 -5.93
C SER B 43 -3.85 -5.12 -5.12
N HIS B 44 -3.60 -4.05 -5.87
CA HIS B 44 -3.58 -2.74 -5.32
C HIS B 44 -4.85 -2.01 -5.54
N LEU B 45 -5.74 -2.63 -6.27
CA LEU B 45 -7.04 -2.11 -6.67
C LEU B 45 -6.99 -1.08 -7.78
N VAL B 46 -5.88 -1.08 -8.52
CA VAL B 46 -5.70 -0.06 -9.56
C VAL B 46 -6.71 -0.17 -10.67
N ALA B 47 -7.08 -1.42 -10.99
CA ALA B 47 -7.93 -1.78 -12.10
C ALA B 47 -9.36 -1.50 -11.86
N VAL B 48 -9.81 -1.64 -10.57
CA VAL B 48 -11.14 -1.28 -10.12
C VAL B 48 -11.16 0.24 -10.20
N GLY B 49 -10.02 0.84 -9.78
CA GLY B 49 -9.79 2.30 -9.80
C GLY B 49 -10.07 2.88 -11.18
N LYS B 50 -9.50 2.26 -12.23
CA LYS B 50 -9.69 2.73 -13.60
C LYS B 50 -11.09 2.58 -14.09
N LEU B 51 -11.74 1.50 -13.68
CA LEU B 51 -13.08 1.21 -14.10
C LEU B 51 -13.98 2.24 -13.51
N LEU B 52 -13.81 2.66 -12.27
CA LEU B 52 -14.68 3.72 -11.75
C LEU B 52 -14.39 5.13 -12.27
N ASP B 53 -13.12 5.47 -12.58
CA ASP B 53 -12.81 6.71 -13.23
C ASP B 53 -13.62 6.87 -14.53
N TYR B 54 -13.61 5.85 -15.38
CA TYR B 54 -14.50 5.75 -16.52
C TYR B 54 -15.95 5.87 -16.09
N LEU B 55 -16.54 5.12 -15.18
CA LEU B 55 -17.99 5.28 -14.90
C LEU B 55 -18.32 6.63 -14.27
N ASN B 56 -17.37 7.23 -13.57
CA ASN B 56 -17.71 8.42 -12.85
C ASN B 56 -16.99 9.62 -13.41
N GLN B 57 -16.59 9.66 -14.69
CA GLN B 57 -15.85 10.82 -15.19
C GLN B 57 -16.75 12.03 -15.33
N ASP B 58 -18.09 11.92 -15.41
CA ASP B 58 -18.96 13.10 -15.57
C ASP B 58 -19.95 13.38 -14.39
N ASP B 59 -20.42 12.39 -13.62
CA ASP B 59 -21.09 12.66 -12.34
C ASP B 59 -20.17 11.89 -11.43
N PRO B 60 -19.74 12.37 -10.30
CA PRO B 60 -18.84 11.66 -9.44
C PRO B 60 -19.52 10.46 -8.85
N ASN B 61 -20.85 10.44 -8.86
CA ASN B 61 -21.53 9.36 -8.20
C ASN B 61 -22.40 8.59 -9.13
N THR B 62 -22.03 8.33 -10.41
CA THR B 62 -22.90 7.49 -11.27
C THR B 62 -22.97 6.04 -10.66
N TYR B 63 -21.84 5.61 -10.02
CA TYR B 63 -21.59 4.31 -9.40
C TYR B 63 -20.71 4.35 -8.13
N HIS B 64 -21.19 3.58 -7.16
CA HIS B 64 -20.49 3.36 -5.90
C HIS B 64 -20.08 1.89 -5.77
N TYR B 65 -19.08 1.45 -5.05
CA TYR B 65 -18.69 0.06 -5.05
C TYR B 65 -18.77 -0.58 -3.68
N VAL B 66 -18.69 -1.92 -3.71
CA VAL B 66 -18.41 -2.72 -2.55
C VAL B 66 -17.32 -3.71 -3.02
N VAL B 67 -16.18 -3.94 -2.37
CA VAL B 67 -15.24 -4.87 -2.93
C VAL B 67 -14.72 -5.85 -1.89
N SER B 68 -14.52 -7.13 -2.15
CA SER B 68 -13.96 -7.92 -1.07
C SER B 68 -12.46 -7.70 -0.98
N GLU B 69 -11.85 -8.32 0.02
CA GLU B 69 -10.41 -8.46 0.05
C GLU B 69 -10.15 -9.68 -0.85
N PRO B 70 -8.92 -10.02 -1.20
CA PRO B 70 -8.65 -11.17 -2.05
C PRO B 70 -8.94 -12.47 -1.29
N LEU B 71 -9.43 -13.43 -2.07
CA LEU B 71 -10.06 -14.64 -1.61
C LEU B 71 -9.44 -15.88 -2.26
N GLY B 72 -9.12 -16.96 -1.53
CA GLY B 72 -8.66 -18.17 -2.17
C GLY B 72 -7.87 -19.09 -1.24
N ARG B 73 -8.28 -20.36 -0.98
CA ARG B 73 -7.43 -21.31 -0.21
C ARG B 73 -6.16 -21.63 -1.05
N ASN B 74 -6.53 -21.80 -2.33
CA ASN B 74 -5.62 -21.96 -3.45
C ASN B 74 -4.36 -21.13 -3.35
N SER B 75 -4.59 -19.88 -2.94
CA SER B 75 -3.59 -18.82 -2.85
C SER B 75 -2.93 -18.41 -4.21
N TYR B 76 -3.87 -17.90 -5.02
CA TYR B 76 -3.70 -17.25 -6.32
C TYR B 76 -5.08 -16.61 -6.31
N LYS B 77 -5.20 -15.34 -5.94
CA LYS B 77 -6.50 -14.82 -5.52
C LYS B 77 -7.24 -13.78 -6.35
N GLU B 78 -8.55 -13.78 -6.03
CA GLU B 78 -9.48 -12.84 -6.63
C GLU B 78 -10.51 -12.26 -5.64
N ARG B 79 -11.12 -11.11 -5.98
CA ARG B 79 -12.08 -10.37 -5.16
C ARG B 79 -13.47 -10.40 -5.74
N TYR B 80 -14.47 -9.90 -5.00
CA TYR B 80 -15.83 -9.79 -5.51
C TYR B 80 -16.07 -8.30 -5.62
N LEU B 81 -16.48 -7.69 -6.71
CA LEU B 81 -16.76 -6.25 -6.80
C LEU B 81 -18.25 -5.97 -7.02
N PHE B 82 -19.07 -5.28 -6.22
CA PHE B 82 -20.41 -4.93 -6.66
C PHE B 82 -20.29 -3.49 -7.00
N LEU B 83 -20.94 -3.10 -8.05
CA LEU B 83 -20.96 -1.72 -8.43
C LEU B 83 -22.42 -1.40 -8.54
N PHE B 84 -23.01 -0.39 -7.87
CA PHE B 84 -24.43 -0.07 -8.04
C PHE B 84 -24.69 1.46 -8.29
N ARG B 85 -25.78 1.86 -8.93
CA ARG B 85 -26.13 3.21 -9.17
C ARG B 85 -26.81 3.58 -7.87
N PRO B 86 -26.13 4.49 -7.18
CA PRO B 86 -26.58 4.98 -5.88
C PRO B 86 -27.89 5.67 -5.89
N ASN B 87 -28.29 6.21 -7.03
CA ASN B 87 -29.60 6.85 -7.13
C ASN B 87 -30.72 5.82 -7.17
N LYS B 88 -30.36 4.51 -7.26
CA LYS B 88 -31.36 3.51 -7.50
C LYS B 88 -31.50 2.62 -6.32
N VAL B 89 -30.42 2.38 -5.63
CA VAL B 89 -30.42 1.44 -4.52
C VAL B 89 -29.43 2.03 -3.55
N SER B 90 -29.44 1.61 -2.29
CA SER B 90 -28.49 2.00 -1.23
C SER B 90 -27.96 0.68 -0.66
N VAL B 91 -26.84 0.63 0.05
CA VAL B 91 -26.31 -0.55 0.70
C VAL B 91 -26.52 -0.34 2.18
N LEU B 92 -27.43 -1.13 2.77
CA LEU B 92 -27.77 -1.01 4.16
C LEU B 92 -26.74 -1.66 5.06
N ASP B 93 -26.11 -2.72 4.56
CA ASP B 93 -25.13 -3.47 5.30
C ASP B 93 -24.41 -4.52 4.49
N THR B 94 -23.38 -5.17 5.07
CA THR B 94 -22.46 -5.98 4.30
C THR B 94 -21.66 -6.87 5.18
N TYR B 95 -21.32 -8.05 4.73
CA TYR B 95 -20.42 -8.90 5.51
C TYR B 95 -19.82 -9.93 4.61
N GLN B 96 -18.69 -10.56 4.97
CA GLN B 96 -18.05 -11.66 4.23
C GLN B 96 -18.46 -12.95 4.92
N TYR B 97 -19.12 -13.92 4.26
CA TYR B 97 -19.51 -15.16 4.85
C TYR B 97 -18.32 -15.80 5.52
N ASP B 98 -18.63 -16.33 6.68
CA ASP B 98 -17.59 -17.01 7.41
C ASP B 98 -17.52 -18.51 7.14
N ASP B 99 -16.77 -18.94 6.12
CA ASP B 99 -16.75 -20.34 5.71
C ASP B 99 -15.81 -21.29 6.51
N GLY B 100 -15.23 -20.88 7.65
CA GLY B 100 -14.36 -21.76 8.42
C GLY B 100 -12.86 -21.61 8.15
N CYS B 101 -12.54 -20.51 7.41
CA CYS B 101 -11.22 -20.01 7.00
C CYS B 101 -11.61 -19.07 5.82
N CYS B 104 -6.41 -24.68 8.08
CA CYS B 104 -7.34 -25.42 8.92
C CYS B 104 -7.78 -26.77 8.32
N GLY B 105 -8.25 -26.69 7.05
CA GLY B 105 -8.77 -27.81 6.28
C GLY B 105 -10.31 -27.87 6.09
N ASN B 106 -11.15 -27.18 6.90
CA ASN B 106 -12.61 -27.32 6.80
C ASN B 106 -13.31 -26.39 5.83
N ASP B 107 -12.81 -25.16 5.68
CA ASP B 107 -13.49 -24.12 4.98
C ASP B 107 -14.25 -24.55 3.75
N SER B 108 -15.52 -24.22 3.75
CA SER B 108 -16.39 -24.71 2.69
C SER B 108 -16.21 -24.07 1.35
N PHE B 109 -15.61 -22.90 1.19
CA PHE B 109 -15.40 -22.29 -0.12
C PHE B 109 -14.01 -21.77 -0.42
N SER B 110 -13.77 -21.80 -1.73
CA SER B 110 -12.54 -21.30 -2.31
C SER B 110 -12.52 -19.80 -2.05
N ARG B 111 -13.62 -19.13 -2.46
CA ARG B 111 -13.87 -17.69 -2.37
C ARG B 111 -15.23 -17.42 -1.73
N GLU B 112 -15.19 -17.38 -0.40
CA GLU B 112 -16.29 -17.08 0.50
C GLU B 112 -17.20 -15.99 -0.05
N PRO B 113 -18.51 -16.16 -0.18
CA PRO B 113 -19.40 -15.13 -0.74
C PRO B 113 -19.31 -13.82 0.01
N ALA B 114 -19.21 -12.68 -0.65
CA ALA B 114 -19.41 -11.40 -0.02
C ALA B 114 -20.93 -11.33 0.09
N VAL B 115 -21.53 -10.74 1.13
CA VAL B 115 -22.98 -10.71 1.20
C VAL B 115 -23.31 -9.24 1.44
N VAL B 116 -24.21 -8.66 0.63
CA VAL B 116 -24.55 -7.24 0.59
C VAL B 116 -26.05 -7.11 0.63
N LYS B 117 -26.54 -6.31 1.56
CA LYS B 117 -27.95 -6.14 1.79
C LYS B 117 -28.29 -4.87 1.10
N PHE B 118 -29.23 -4.80 0.20
CA PHE B 118 -29.58 -3.58 -0.46
C PHE B 118 -30.87 -3.05 0.03
N SER B 119 -31.08 -1.75 -0.21
CA SER B 119 -32.36 -1.12 -0.01
C SER B 119 -32.83 -0.55 -1.32
N SER B 120 -33.96 -0.93 -1.90
CA SER B 120 -34.48 -0.41 -3.15
C SER B 120 -35.86 0.25 -2.98
N HIS B 121 -36.14 1.38 -3.56
CA HIS B 121 -37.43 1.96 -3.28
C HIS B 121 -38.33 1.94 -4.50
N SER B 122 -37.80 1.78 -5.69
CA SER B 122 -38.69 1.69 -6.82
C SER B 122 -39.15 0.24 -7.08
N THR B 123 -38.93 -0.78 -6.23
CA THR B 123 -39.38 -2.13 -6.54
C THR B 123 -40.40 -2.57 -5.53
N LYS B 124 -41.00 -3.76 -5.74
CA LYS B 124 -41.96 -4.38 -4.83
C LYS B 124 -41.16 -4.90 -3.65
N VAL B 125 -40.10 -5.71 -3.85
CA VAL B 125 -39.14 -6.00 -2.79
C VAL B 125 -38.56 -4.66 -2.36
N LYS B 126 -38.55 -4.23 -1.11
CA LYS B 126 -37.87 -3.00 -0.80
C LYS B 126 -36.52 -3.37 -0.21
N GLU B 127 -36.21 -4.55 0.33
CA GLU B 127 -34.90 -4.84 0.93
C GLU B 127 -34.58 -6.27 0.55
N PHE B 128 -33.35 -6.62 0.33
CA PHE B 128 -33.02 -7.93 -0.17
C PHE B 128 -31.52 -7.99 -0.14
N ALA B 129 -30.98 -9.19 0.08
CA ALA B 129 -29.57 -9.42 0.13
C ALA B 129 -29.13 -10.05 -1.18
N ILE B 130 -27.88 -9.85 -1.58
CA ILE B 130 -27.36 -10.55 -2.75
C ILE B 130 -26.09 -11.25 -2.23
N VAL B 131 -26.02 -12.58 -2.43
CA VAL B 131 -24.92 -13.44 -2.06
C VAL B 131 -24.16 -13.72 -3.35
N ALA B 132 -22.86 -13.54 -3.36
CA ALA B 132 -22.09 -13.60 -4.59
C ALA B 132 -21.26 -14.82 -4.66
N LEU B 133 -21.14 -15.64 -5.67
CA LEU B 133 -20.18 -16.76 -5.63
C LEU B 133 -19.55 -17.11 -6.99
N HIS B 134 -18.25 -17.34 -7.01
CA HIS B 134 -17.60 -17.82 -8.20
C HIS B 134 -17.08 -19.17 -7.69
N SER B 135 -17.73 -20.31 -8.03
CA SER B 135 -17.29 -21.55 -7.44
C SER B 135 -16.08 -22.13 -8.09
N ALA B 136 -15.27 -22.85 -7.29
CA ALA B 136 -14.17 -23.65 -7.83
C ALA B 136 -14.89 -24.71 -8.70
N PRO B 137 -14.69 -24.79 -10.03
CA PRO B 137 -15.32 -25.76 -10.90
C PRO B 137 -15.23 -27.17 -10.35
N SER B 138 -14.06 -27.54 -9.83
CA SER B 138 -13.80 -28.83 -9.23
C SER B 138 -14.68 -29.15 -8.05
N ASP B 139 -15.09 -28.09 -7.41
CA ASP B 139 -15.83 -28.16 -6.17
C ASP B 139 -17.28 -27.74 -6.24
N ALA B 140 -17.70 -27.45 -7.47
CA ALA B 140 -18.99 -26.87 -7.74
C ALA B 140 -20.08 -27.52 -6.97
N VAL B 141 -20.24 -28.85 -6.95
CA VAL B 141 -21.39 -29.47 -6.26
C VAL B 141 -21.48 -29.21 -4.77
N ALA B 142 -20.35 -29.17 -4.07
CA ALA B 142 -20.38 -28.94 -2.65
C ALA B 142 -20.65 -27.48 -2.33
N GLU B 143 -20.02 -26.60 -3.09
CA GLU B 143 -20.22 -25.18 -2.90
C GLU B 143 -21.65 -24.68 -3.29
N ILE B 144 -22.30 -25.03 -4.42
CA ILE B 144 -23.66 -24.57 -4.66
C ILE B 144 -24.58 -25.07 -3.56
N ASN B 145 -24.23 -26.19 -2.92
CA ASN B 145 -24.97 -26.78 -1.81
C ASN B 145 -24.70 -26.06 -0.48
N SER B 146 -23.43 -25.64 -0.24
CA SER B 146 -23.10 -24.90 0.93
C SER B 146 -23.67 -23.53 0.83
N LEU B 147 -24.03 -22.95 -0.31
CA LEU B 147 -24.78 -21.71 -0.33
C LEU B 147 -26.12 -21.90 0.36
N TYR B 148 -26.63 -23.14 0.60
CA TYR B 148 -27.89 -23.27 1.32
C TYR B 148 -27.69 -22.76 2.72
N ASP B 149 -26.52 -23.10 3.27
CA ASP B 149 -26.12 -22.66 4.57
C ASP B 149 -25.84 -21.16 4.61
N VAL B 150 -25.37 -20.45 3.56
CA VAL B 150 -25.12 -19.01 3.58
C VAL B 150 -26.46 -18.31 3.55
N TYR B 151 -27.46 -18.88 2.84
CA TYR B 151 -28.81 -18.35 2.88
C TYR B 151 -29.30 -18.42 4.31
N LEU B 152 -29.03 -19.51 5.01
CA LEU B 152 -29.52 -19.63 6.37
C LEU B 152 -28.86 -18.63 7.32
N ASP B 153 -27.63 -18.21 6.98
CA ASP B 153 -26.91 -17.25 7.79
C ASP B 153 -27.49 -15.87 7.59
N VAL B 154 -27.87 -15.49 6.36
CA VAL B 154 -28.45 -14.19 6.03
C VAL B 154 -29.73 -14.12 6.82
N GLN B 155 -30.55 -15.15 6.85
CA GLN B 155 -31.72 -15.19 7.69
C GLN B 155 -31.48 -15.06 9.18
N GLN B 156 -30.45 -15.67 9.79
CA GLN B 156 -30.10 -15.55 11.21
C GLN B 156 -29.66 -14.11 11.46
N LYS B 157 -28.58 -13.68 10.77
CA LYS B 157 -28.11 -12.34 10.88
C LYS B 157 -29.19 -11.37 10.48
N TRP B 158 -29.60 -11.28 9.22
CA TRP B 158 -30.44 -10.16 8.90
C TRP B 158 -31.89 -10.41 8.94
N HIS B 159 -32.43 -11.57 9.26
CA HIS B 159 -33.87 -11.84 9.31
C HIS B 159 -34.65 -11.54 8.05
N LEU B 160 -33.93 -11.94 7.01
CA LEU B 160 -34.27 -11.62 5.65
C LEU B 160 -34.48 -12.87 4.81
N ASN B 161 -35.62 -12.85 4.16
CA ASN B 161 -35.95 -13.98 3.34
C ASN B 161 -35.61 -13.82 1.92
N ASP B 162 -35.81 -12.60 1.42
CA ASP B 162 -35.58 -12.24 0.04
C ASP B 162 -34.12 -12.12 -0.19
N VAL B 163 -33.53 -13.20 -0.67
CA VAL B 163 -32.13 -13.23 -0.97
C VAL B 163 -31.94 -13.67 -2.42
N MET B 164 -30.98 -13.06 -3.14
CA MET B 164 -30.64 -13.47 -4.47
C MET B 164 -29.26 -14.07 -4.41
N LEU B 165 -29.04 -15.24 -5.02
CA LEU B 165 -27.73 -15.86 -5.00
C LEU B 165 -27.41 -16.01 -6.45
N MET B 166 -26.21 -15.52 -6.75
CA MET B 166 -25.79 -15.38 -8.13
C MET B 166 -24.32 -15.35 -8.25
N GLY B 167 -23.92 -15.76 -9.43
CA GLY B 167 -22.52 -15.84 -9.77
C GLY B 167 -22.28 -16.94 -10.77
N ASP B 168 -21.01 -17.31 -10.87
CA ASP B 168 -20.56 -18.29 -11.83
C ASP B 168 -20.51 -19.53 -11.00
N PHE B 169 -21.53 -20.31 -11.09
CA PHE B 169 -21.63 -21.44 -10.22
C PHE B 169 -20.95 -22.67 -10.81
N ASN B 170 -20.41 -22.61 -12.05
CA ASN B 170 -19.90 -23.77 -12.79
C ASN B 170 -20.92 -24.90 -12.74
N ALA B 171 -22.16 -24.47 -12.88
CA ALA B 171 -23.28 -25.34 -12.62
C ALA B 171 -23.85 -26.13 -13.77
N ASP B 172 -23.03 -26.81 -14.54
CA ASP B 172 -23.55 -27.52 -15.71
C ASP B 172 -22.33 -28.16 -16.35
N CYS B 173 -22.67 -28.87 -17.43
CA CYS B 173 -21.72 -29.65 -18.19
C CYS B 173 -20.89 -30.58 -17.28
N SER B 174 -19.58 -30.65 -17.40
CA SER B 174 -18.77 -31.55 -16.62
C SER B 174 -18.82 -31.23 -15.12
N TYR B 175 -18.96 -29.95 -14.76
CA TYR B 175 -18.79 -29.65 -13.36
C TYR B 175 -19.99 -30.04 -12.48
N VAL B 176 -21.26 -30.02 -12.94
CA VAL B 176 -22.40 -30.57 -12.22
C VAL B 176 -23.29 -31.31 -13.23
N THR B 177 -23.61 -32.59 -12.98
CA THR B 177 -24.41 -33.36 -13.92
C THR B 177 -25.77 -33.64 -13.32
N SER B 178 -26.61 -34.30 -14.12
CA SER B 178 -28.00 -34.54 -13.74
C SER B 178 -28.28 -35.27 -12.43
N SER B 179 -27.37 -36.19 -12.16
CA SER B 179 -27.42 -36.99 -10.96
C SER B 179 -26.88 -36.25 -9.74
N GLN B 180 -25.97 -35.30 -9.94
CA GLN B 180 -25.45 -34.57 -8.84
C GLN B 180 -26.41 -33.54 -8.25
N TRP B 181 -27.31 -33.00 -9.06
CA TRP B 181 -28.26 -32.01 -8.61
C TRP B 181 -29.03 -32.40 -7.39
N SER B 182 -29.28 -33.70 -7.33
CA SER B 182 -30.06 -34.27 -6.25
C SER B 182 -29.36 -34.11 -4.91
N SER B 183 -28.08 -33.78 -4.91
CA SER B 183 -27.36 -33.53 -3.70
C SER B 183 -27.11 -32.03 -3.47
N ILE B 184 -27.90 -31.10 -4.03
CA ILE B 184 -27.69 -29.69 -3.77
C ILE B 184 -29.00 -29.22 -3.25
N ARG B 185 -28.96 -28.88 -1.96
CA ARG B 185 -30.13 -28.35 -1.25
C ARG B 185 -30.72 -27.10 -1.89
N LEU B 186 -29.80 -26.34 -2.51
CA LEU B 186 -30.19 -25.12 -3.14
C LEU B 186 -31.04 -25.40 -4.32
N ARG B 187 -30.95 -26.63 -4.82
CA ARG B 187 -31.76 -27.09 -5.91
C ARG B 187 -32.99 -27.84 -5.45
N THR B 188 -32.87 -28.65 -4.38
CA THR B 188 -33.97 -29.50 -4.03
C THR B 188 -35.05 -28.76 -3.24
N SER B 189 -34.62 -27.86 -2.35
CA SER B 189 -35.53 -27.04 -1.57
C SER B 189 -36.28 -26.18 -2.56
N SER B 190 -37.55 -26.28 -2.46
CA SER B 190 -38.45 -25.48 -3.26
C SER B 190 -38.53 -24.08 -2.61
N THR B 191 -37.71 -23.66 -1.63
CA THR B 191 -37.64 -22.27 -1.17
C THR B 191 -37.08 -21.47 -2.37
N PHE B 192 -36.17 -22.02 -3.21
CA PHE B 192 -35.46 -21.24 -4.17
C PHE B 192 -35.92 -21.47 -5.59
N GLN B 193 -36.19 -20.38 -6.27
CA GLN B 193 -36.60 -20.40 -7.66
C GLN B 193 -35.33 -20.13 -8.49
N TRP B 194 -34.86 -21.02 -9.38
CA TRP B 194 -33.66 -20.85 -10.22
C TRP B 194 -34.07 -20.24 -11.50
N LEU B 195 -33.46 -19.09 -11.83
CA LEU B 195 -33.95 -18.26 -12.93
C LEU B 195 -33.34 -18.41 -14.31
N ILE B 196 -32.08 -18.78 -14.31
CA ILE B 196 -31.35 -18.97 -15.52
C ILE B 196 -31.49 -20.50 -15.47
N PRO B 197 -32.19 -21.11 -16.46
CA PRO B 197 -32.42 -22.55 -16.59
C PRO B 197 -31.20 -23.30 -16.98
N ASP B 198 -31.29 -24.61 -16.95
CA ASP B 198 -30.18 -25.49 -17.30
C ASP B 198 -29.93 -25.57 -18.81
N SER B 199 -30.90 -24.95 -19.51
CA SER B 199 -30.92 -24.79 -20.96
C SER B 199 -29.80 -23.84 -21.41
N ALA B 200 -29.90 -22.63 -20.83
CA ALA B 200 -29.02 -21.50 -21.12
C ALA B 200 -27.52 -21.79 -21.22
N ASP B 201 -26.97 -21.17 -22.26
CA ASP B 201 -25.57 -21.16 -22.64
C ASP B 201 -25.14 -19.88 -22.00
N THR B 202 -24.17 -19.79 -21.15
CA THR B 202 -23.81 -18.51 -20.63
C THR B 202 -22.34 -18.44 -20.89
N THR B 203 -21.73 -19.27 -21.76
CA THR B 203 -20.33 -19.14 -22.08
C THR B 203 -20.13 -18.37 -23.37
N ALA B 204 -19.10 -17.52 -23.47
CA ALA B 204 -18.77 -16.91 -24.73
C ALA B 204 -18.05 -17.88 -25.66
N THR B 205 -17.46 -18.98 -25.13
CA THR B 205 -16.81 -19.97 -25.98
C THR B 205 -17.82 -20.97 -26.55
N SER B 206 -17.34 -21.77 -27.50
CA SER B 206 -18.07 -22.87 -28.16
C SER B 206 -18.96 -23.86 -27.35
N THR B 207 -18.61 -24.12 -26.06
CA THR B 207 -19.34 -24.93 -25.10
C THR B 207 -20.74 -24.35 -24.86
N ASN B 208 -21.69 -25.17 -24.41
CA ASN B 208 -23.02 -24.75 -24.00
C ASN B 208 -23.30 -25.27 -22.58
N CYS B 209 -23.23 -24.27 -21.70
CA CYS B 209 -23.42 -24.55 -20.29
C CYS B 209 -24.06 -23.37 -19.61
N ALA B 210 -24.89 -23.68 -18.62
CA ALA B 210 -25.58 -22.71 -17.80
C ALA B 210 -24.79 -22.70 -16.50
N TYR B 211 -23.57 -22.19 -16.67
CA TYR B 211 -22.62 -22.12 -15.58
C TYR B 211 -22.96 -21.03 -14.63
N ASP B 212 -23.68 -20.07 -15.20
CA ASP B 212 -23.92 -18.82 -14.56
C ASP B 212 -25.36 -18.73 -14.20
N ARG B 213 -25.58 -18.56 -12.89
CA ARG B 213 -26.93 -18.52 -12.32
C ARG B 213 -27.35 -17.32 -11.47
N ILE B 214 -28.67 -17.12 -11.44
CA ILE B 214 -29.35 -16.19 -10.55
C ILE B 214 -30.43 -17.05 -9.88
N VAL B 215 -30.44 -17.17 -8.54
CA VAL B 215 -31.38 -17.99 -7.74
C VAL B 215 -32.14 -17.03 -6.81
N VAL B 216 -33.46 -17.08 -6.62
CA VAL B 216 -34.14 -16.13 -5.77
C VAL B 216 -34.95 -16.87 -4.75
N ALA B 217 -34.80 -16.53 -3.49
CA ALA B 217 -35.66 -17.00 -2.44
C ALA B 217 -36.33 -15.73 -1.89
N GLY B 218 -37.43 -15.86 -1.17
CA GLY B 218 -38.14 -14.72 -0.64
C GLY B 218 -39.43 -14.53 -1.41
N SER B 219 -40.58 -14.30 -0.80
CA SER B 219 -41.79 -14.28 -1.55
C SER B 219 -41.98 -13.02 -2.34
N LEU B 220 -41.47 -11.95 -1.75
CA LEU B 220 -41.58 -10.62 -2.29
C LEU B 220 -40.53 -10.46 -3.39
N LEU B 221 -39.27 -10.92 -3.18
CA LEU B 221 -38.26 -10.89 -4.23
C LEU B 221 -38.81 -11.66 -5.41
N GLN B 222 -39.32 -12.89 -5.31
CA GLN B 222 -39.90 -13.65 -6.43
C GLN B 222 -41.07 -13.00 -7.10
N SER B 223 -41.77 -12.13 -6.41
CA SER B 223 -42.91 -11.47 -7.00
C SER B 223 -42.48 -10.24 -7.78
N SER B 224 -41.29 -9.74 -7.46
CA SER B 224 -40.65 -8.63 -8.14
C SER B 224 -39.95 -9.00 -9.43
N VAL B 225 -39.49 -10.23 -9.65
CA VAL B 225 -38.82 -10.60 -10.91
C VAL B 225 -39.80 -10.45 -12.04
N VAL B 226 -39.49 -9.64 -13.03
CA VAL B 226 -40.28 -9.50 -14.25
C VAL B 226 -40.10 -10.79 -15.05
N PRO B 227 -41.22 -11.48 -15.29
CA PRO B 227 -41.24 -12.73 -16.04
C PRO B 227 -40.65 -12.65 -17.42
N GLY B 228 -39.70 -13.59 -17.45
CA GLY B 228 -38.83 -13.81 -18.58
C GLY B 228 -37.87 -12.65 -18.80
N SER B 229 -37.23 -12.02 -17.80
CA SER B 229 -36.18 -11.05 -18.08
C SER B 229 -34.84 -11.68 -17.73
N ALA B 230 -34.88 -12.91 -17.21
CA ALA B 230 -33.71 -13.49 -16.67
C ALA B 230 -33.13 -14.24 -17.82
N ALA B 231 -31.94 -13.83 -18.16
CA ALA B 231 -31.29 -14.39 -19.31
C ALA B 231 -29.86 -13.92 -19.39
N PRO B 232 -28.99 -14.58 -20.16
CA PRO B 232 -27.61 -14.17 -20.38
C PRO B 232 -27.60 -13.02 -21.40
N PHE B 233 -26.46 -12.38 -21.53
CA PHE B 233 -26.37 -11.30 -22.44
C PHE B 233 -25.22 -11.57 -23.37
N ASP B 234 -25.78 -11.75 -24.56
CA ASP B 234 -24.89 -12.03 -25.64
C ASP B 234 -24.26 -10.80 -26.26
N PHE B 235 -23.18 -10.36 -25.63
CA PHE B 235 -22.58 -9.12 -26.05
C PHE B 235 -21.93 -9.26 -27.38
N GLN B 236 -21.39 -10.45 -27.68
CA GLN B 236 -20.81 -10.71 -28.99
C GLN B 236 -21.95 -10.53 -29.96
N ALA B 237 -23.08 -11.19 -29.76
CA ALA B 237 -24.13 -11.05 -30.76
C ALA B 237 -24.74 -9.67 -30.72
N ALA B 238 -24.72 -8.97 -29.60
CA ALA B 238 -25.42 -7.71 -29.47
C ALA B 238 -24.71 -6.48 -30.01
N TYR B 239 -23.40 -6.64 -29.91
CA TYR B 239 -22.39 -5.62 -30.21
C TYR B 239 -21.66 -6.05 -31.46
N GLY B 240 -22.15 -7.05 -32.20
CA GLY B 240 -21.53 -7.46 -33.43
C GLY B 240 -20.07 -7.87 -33.30
N LEU B 241 -19.60 -8.18 -32.11
CA LEU B 241 -18.22 -8.57 -32.00
C LEU B 241 -17.83 -9.83 -32.81
N SER B 242 -16.54 -9.97 -33.11
CA SER B 242 -16.11 -11.21 -33.71
C SER B 242 -16.04 -12.25 -32.62
N ASN B 243 -15.65 -13.44 -33.00
CA ASN B 243 -15.38 -14.44 -32.00
C ASN B 243 -14.10 -13.99 -31.30
N GLU B 244 -13.06 -13.54 -32.01
CA GLU B 244 -11.82 -13.05 -31.38
C GLU B 244 -12.06 -11.94 -30.33
N MET B 245 -12.89 -10.94 -30.65
CA MET B 245 -13.07 -9.78 -29.79
C MET B 245 -13.83 -10.24 -28.56
N ALA B 246 -14.99 -10.90 -28.75
CA ALA B 246 -15.84 -11.31 -27.66
C ALA B 246 -15.14 -12.06 -26.53
N LEU B 247 -14.26 -12.94 -26.98
CA LEU B 247 -13.51 -13.69 -26.00
C LEU B 247 -12.40 -12.93 -25.35
N ALA B 248 -11.90 -11.92 -26.04
CA ALA B 248 -10.92 -11.03 -25.43
C ALA B 248 -11.57 -10.26 -24.27
N ILE B 249 -12.91 -10.05 -24.24
CA ILE B 249 -13.62 -9.42 -23.12
C ILE B 249 -13.64 -10.50 -22.00
N SER B 250 -14.40 -11.60 -22.28
CA SER B 250 -14.49 -12.71 -21.36
C SER B 250 -15.00 -13.91 -22.08
N ASP B 251 -14.70 -15.02 -21.45
CA ASP B 251 -15.22 -16.30 -21.88
C ASP B 251 -16.61 -16.58 -21.33
N HIS B 252 -17.27 -15.61 -20.66
CA HIS B 252 -18.56 -15.80 -20.00
C HIS B 252 -19.56 -14.72 -20.39
N TYR B 253 -20.89 -14.79 -20.21
CA TYR B 253 -21.71 -13.65 -20.51
C TYR B 253 -22.36 -13.16 -19.23
N PRO B 254 -22.78 -11.89 -19.08
CA PRO B 254 -23.47 -11.47 -17.88
C PRO B 254 -24.77 -12.28 -17.84
N VAL B 255 -25.19 -12.69 -16.66
CA VAL B 255 -26.59 -13.10 -16.54
C VAL B 255 -27.29 -11.99 -15.82
N GLU B 256 -28.34 -11.53 -16.44
CA GLU B 256 -29.14 -10.45 -15.89
C GLU B 256 -30.54 -10.88 -15.50
N VAL B 257 -31.16 -9.99 -14.74
CA VAL B 257 -32.58 -10.09 -14.40
C VAL B 257 -33.08 -8.68 -14.12
N THR B 258 -34.38 -8.42 -14.25
CA THR B 258 -35.00 -7.11 -13.97
C THR B 258 -35.96 -7.22 -12.80
N LEU B 259 -35.95 -6.39 -11.74
CA LEU B 259 -37.01 -6.44 -10.76
C LEU B 259 -37.91 -5.30 -11.11
N THR B 260 -39.07 -5.35 -10.48
CA THR B 260 -40.08 -4.37 -10.62
C THR B 260 -40.80 -4.22 -9.29
C1 NAG C . -6.38 -5.48 -27.10
C2 NAG C . -5.13 -5.14 -27.92
C3 NAG C . -4.98 -5.73 -29.30
C4 NAG C . -5.73 -7.06 -29.28
C5 NAG C . -7.23 -6.77 -29.08
C6 NAG C . -8.04 -8.06 -28.82
C7 NAG C . -3.76 -3.40 -26.94
C8 NAG C . -3.48 -1.91 -26.75
N2 NAG C . -4.67 -3.76 -27.88
O3 NAG C . -3.57 -5.88 -29.57
O4 NAG C . -5.39 -7.77 -30.52
O5 NAG C . -7.45 -5.95 -27.94
O6 NAG C . -7.38 -8.91 -27.89
O7 NAG C . -3.22 -4.24 -26.20
C1 NAG C . -6.42 -8.07 -31.47
C2 NAG C . -6.74 -6.84 -32.29
C3 NAG C . -5.90 -6.63 -33.55
C4 NAG C . -4.72 -7.63 -33.61
C5 NAG C . -5.11 -9.11 -33.25
C6 NAG C . -3.91 -9.79 -32.55
C7 NAG C . -8.85 -5.81 -32.72
C8 NAG C . -10.30 -6.04 -33.13
N2 NAG C . -8.11 -6.91 -32.69
O3 NAG C . -5.39 -5.28 -33.59
O4 NAG C . -4.23 -7.48 -34.98
O5 NAG C . -6.18 -9.23 -32.29
O6 NAG C . -3.35 -8.98 -31.48
O7 NAG C . -8.41 -4.68 -32.46
C1 BMA C . -2.87 -7.95 -35.29
C2 BMA C . -2.96 -9.44 -35.84
C3 BMA C . -1.57 -10.02 -36.25
C4 BMA C . -0.64 -8.89 -36.97
C5 BMA C . -0.75 -7.41 -36.41
C6 BMA C . -0.17 -6.38 -37.40
O2 BMA C . -3.83 -9.61 -37.01
O3 BMA C . -1.82 -11.14 -37.16
O4 BMA C . 0.76 -9.30 -36.93
O5 BMA C . -2.14 -7.02 -36.16
O6 BMA C . -0.04 -6.89 -38.73
CA CA D . 15.33 10.40 8.54
PG ATP E . 14.18 11.21 4.99
O1G ATP E . 14.79 11.28 3.65
O2G ATP E . 15.15 10.89 6.10
O3G ATP E . 13.29 12.34 5.29
PB ATP E . 13.18 8.56 5.85
O1B ATP E . 13.63 8.87 7.24
O2B ATP E . 11.84 7.97 5.75
O3B ATP E . 13.23 9.93 4.99
PA ATP E . 14.97 6.31 5.75
O1A ATP E . 16.35 6.66 6.15
O2A ATP E . 14.09 5.75 6.77
O3A ATP E . 14.25 7.59 5.16
O5' ATP E . 15.13 5.22 4.57
C5' ATP E . 14.08 4.79 3.67
C4' ATP E . 14.57 4.94 2.26
O4' ATP E . 15.83 4.28 2.29
C3' ATP E . 13.83 4.27 1.06
O3' ATP E . 14.24 4.71 -0.23
C2' ATP E . 14.37 2.87 1.20
O2' ATP E . 14.34 2.06 0.04
C1' ATP E . 15.84 3.18 1.39
N9 ATP E . 16.54 1.97 1.95
C8 ATP E . 16.15 1.18 3.03
N7 ATP E . 16.91 0.12 3.19
C5 ATP E . 17.78 0.13 2.08
C6 ATP E . 18.78 -0.81 1.68
N6 ATP E . 19.00 -2.00 2.22
N1 ATP E . 19.56 -0.39 0.62
C2 ATP E . 19.30 0.86 0.08
N3 ATP E . 18.26 1.68 0.24
C4 ATP E . 17.60 1.29 1.36
CA CA F . -21.49 -20.64 -25.85
CA CA G . -12.13 -20.30 2.48
CA CA H . -27.05 -26.95 -20.57
#